data_7TLO
#
_entry.id   7TLO
#
_cell.length_a   58.406
_cell.length_b   101.554
_cell.length_c   70.013
_cell.angle_alpha   90.000
_cell.angle_beta   110.320
_cell.angle_gamma   90.000
#
_symmetry.space_group_name_H-M   'P 1 21 1'
#
loop_
_entity.id
_entity.type
_entity.pdbx_description
1 polymer 'Cytochrome P450 142A3'
2 non-polymer 'PROTOPORPHYRIN IX CONTAINING FE'
3 non-polymer 'ACETATE ION'
4 water water
#
_entity_poly.entity_id   1
_entity_poly.type   'polypeptide(L)'
_entity_poly.pdbx_seq_one_letter_code
;MTKPLIKPDVDLTDGNFYASRQAREAYRWMRANQPVFRDRNGLAAASTYQAVIDAERQPELFSNAGGIRPDQDALPMMID
MDDPAHLLRRKLVNAGFTRKRVKDKERSIAQLCDTLIDAVCERGECDFVRDLAAPLPMAVIGDMLGVLPEQREMFLRWSD
DLVTFLSSHVSQEDFQVTIDAFAAYNDFTRATIAARRAEPTDDLVSVLVSSEVDGERLSDDELVMETLLILIGGDETTRH
TLSGGSEQLLRNRDQWDLLQSDRELLPGAIEEMLRWTAPVKNMCRMLTADTEFHGTALSEGEKIMLLFESANFDEAVFTD
PEKFDIQRNPNSHLAFGFGTHFCMGNQLARLELSLMTARVVQRLPDLRLADQDSRLPLRPANFVSGLESMPVVFTPSRPL
SGGSG
;
_entity_poly.pdbx_strand_id   A,B
#
loop_
_chem_comp.id
_chem_comp.type
_chem_comp.name
_chem_comp.formula
ACT non-polymer 'ACETATE ION' 'C2 H3 O2 -1'
HEM non-polymer 'PROTOPORPHYRIN IX CONTAINING FE' 'C34 H32 Fe N4 O4'
#
# COMPACT_ATOMS: atom_id res chain seq x y z
N ILE A 6 23.27 11.83 -9.02
CA ILE A 6 23.15 10.63 -8.20
C ILE A 6 22.75 11.04 -6.78
N LYS A 7 22.90 12.33 -6.47
CA LYS A 7 22.54 12.82 -5.15
C LYS A 7 21.03 12.81 -4.97
N PRO A 8 20.52 12.32 -3.85
CA PRO A 8 19.07 12.35 -3.62
C PRO A 8 18.58 13.74 -3.25
N ASP A 9 17.41 14.11 -3.78
CA ASP A 9 16.76 15.39 -3.49
C ASP A 9 15.60 15.06 -2.55
N VAL A 10 15.85 15.16 -1.24
CA VAL A 10 14.94 14.56 -0.27
C VAL A 10 14.70 15.48 0.91
N ASP A 11 13.50 15.33 1.49
CA ASP A 11 13.11 15.99 2.73
C ASP A 11 12.96 14.88 3.76
N LEU A 12 13.87 14.84 4.73
CA LEU A 12 13.84 13.76 5.72
C LEU A 12 12.72 13.89 6.74
N THR A 13 11.99 15.01 6.75
CA THR A 13 10.79 15.11 7.57
C THR A 13 9.53 14.75 6.79
N ASP A 14 9.65 14.41 5.51
CA ASP A 14 8.51 14.03 4.68
C ASP A 14 8.29 12.53 4.78
N GLY A 15 7.15 12.12 5.36
CA GLY A 15 6.86 10.70 5.47
C GLY A 15 6.89 9.98 4.13
N ASN A 16 6.66 10.71 3.04
CA ASN A 16 6.71 10.08 1.72
C ASN A 16 8.09 9.53 1.41
N PHE A 17 9.15 10.15 1.94
CA PHE A 17 10.49 9.65 1.71
C PHE A 17 10.63 8.21 2.19
N TYR A 18 10.10 7.92 3.37
CA TYR A 18 10.27 6.60 3.96
C TYR A 18 9.37 5.57 3.33
N ALA A 19 8.36 5.99 2.58
CA ALA A 19 7.45 5.07 1.91
C ALA A 19 7.76 4.91 0.42
N SER A 20 8.74 5.66 -0.09
CA SER A 20 9.00 5.72 -1.53
C SER A 20 9.79 4.54 -2.07
N ARG A 21 10.44 3.74 -1.22
CA ARG A 21 11.37 2.69 -1.64
C ARG A 21 12.54 3.24 -2.46
N GLN A 22 12.77 4.54 -2.36
CA GLN A 22 14.00 5.16 -2.84
C GLN A 22 14.93 5.49 -1.69
N ALA A 23 14.54 5.18 -0.45
CA ALA A 23 15.31 5.62 0.70
C ALA A 23 16.66 4.93 0.79
N ARG A 24 16.72 3.62 0.54
CA ARG A 24 18.01 2.97 0.75
C ARG A 24 19.03 3.40 -0.31
N GLU A 25 18.56 3.69 -1.53
CA GLU A 25 19.42 4.28 -2.53
C GLU A 25 19.94 5.64 -2.07
N ALA A 26 19.08 6.45 -1.46
CA ALA A 26 19.53 7.74 -0.91
C ALA A 26 20.55 7.52 0.20
N TYR A 27 20.29 6.53 1.07
CA TYR A 27 21.23 6.23 2.15
C TYR A 27 22.59 5.82 1.62
N ARG A 28 22.62 5.05 0.54
CA ARG A 28 23.89 4.66 -0.03
C ARG A 28 24.70 5.88 -0.47
N TRP A 29 24.03 6.87 -1.04
CA TRP A 29 24.72 8.09 -1.45
C TRP A 29 25.27 8.81 -0.24
N MET A 30 24.45 8.93 0.79
CA MET A 30 24.93 9.59 2.02
C MET A 30 26.16 8.88 2.59
N ARG A 31 26.12 7.56 2.75
CA ARG A 31 27.23 6.90 3.42
C ARG A 31 28.50 7.03 2.61
N ALA A 32 28.37 7.10 1.29
CA ALA A 32 29.53 7.15 0.41
C ALA A 32 30.08 8.57 0.24
N ASN A 33 29.23 9.59 0.34
CA ASN A 33 29.61 10.94 -0.08
C ASN A 33 29.50 12.01 0.99
N GLN A 34 28.56 11.87 1.94
N GLN A 34 28.49 11.94 1.87
CA GLN A 34 28.29 12.90 2.93
CA GLN A 34 28.32 12.91 2.96
C GLN A 34 27.74 12.23 4.19
C GLN A 34 27.75 12.19 4.16
N PRO A 35 28.59 11.53 4.94
CA PRO A 35 28.08 10.68 6.04
C PRO A 35 27.22 11.43 7.05
N VAL A 36 27.53 12.69 7.34
CA VAL A 36 26.62 13.56 8.07
C VAL A 36 25.99 14.46 7.02
N PHE A 37 24.80 14.07 6.59
CA PHE A 37 24.12 14.58 5.41
C PHE A 37 23.23 15.75 5.81
N ARG A 38 23.08 16.71 4.90
CA ARG A 38 22.05 17.75 5.07
C ARG A 38 21.07 17.61 3.93
N ASP A 39 19.77 17.57 4.27
CA ASP A 39 18.75 17.32 3.26
C ASP A 39 18.42 18.65 2.56
N ARG A 40 17.37 18.66 1.73
CA ARG A 40 17.11 19.83 0.91
C ARG A 40 16.71 21.06 1.73
N ASN A 41 16.28 20.86 2.98
CA ASN A 41 15.97 21.97 3.88
C ASN A 41 17.06 22.24 4.89
N GLY A 42 18.22 21.60 4.74
CA GLY A 42 19.34 21.80 5.63
C GLY A 42 19.30 20.97 6.89
N LEU A 43 18.40 20.01 7.01
CA LEU A 43 18.36 19.18 8.20
C LEU A 43 19.49 18.16 8.19
N ALA A 44 20.26 18.14 9.28
CA ALA A 44 21.40 17.23 9.42
C ALA A 44 20.94 15.82 9.77
N ALA A 45 21.68 14.82 9.28
CA ALA A 45 21.35 13.43 9.54
C ALA A 45 22.61 12.57 9.52
N ALA A 46 22.79 11.77 10.58
CA ALA A 46 23.89 10.82 10.63
C ALA A 46 23.49 9.54 9.90
N SER A 47 24.18 9.24 8.80
CA SER A 47 23.81 8.13 7.92
C SER A 47 24.67 6.89 8.07
N THR A 48 25.89 7.01 8.58
CA THR A 48 26.73 5.85 8.77
C THR A 48 26.55 5.27 10.16
N TYR A 49 26.87 3.98 10.28
CA TYR A 49 26.87 3.31 11.57
C TYR A 49 27.80 4.02 12.53
N GLN A 50 29.02 4.35 12.07
CA GLN A 50 29.98 5.02 12.96
C GLN A 50 29.44 6.36 13.45
N ALA A 51 28.83 7.15 12.56
CA ALA A 51 28.33 8.45 12.99
C ALA A 51 27.18 8.30 13.97
N VAL A 52 26.29 7.32 13.75
CA VAL A 52 25.21 7.11 14.69
C VAL A 52 25.75 6.70 16.06
N ILE A 53 26.69 5.75 16.08
CA ILE A 53 27.27 5.30 17.33
C ILE A 53 27.99 6.44 18.04
N ASP A 54 28.76 7.23 17.30
CA ASP A 54 29.49 8.33 17.91
C ASP A 54 28.55 9.34 18.55
N ALA A 55 27.43 9.63 17.90
CA ALA A 55 26.46 10.56 18.49
C ALA A 55 25.82 9.96 19.73
N GLU A 56 25.43 8.68 19.67
CA GLU A 56 24.81 8.02 20.81
C GLU A 56 25.72 8.05 22.03
N ARG A 57 27.02 7.89 21.82
CA ARG A 57 27.99 7.81 22.90
C ARG A 57 28.32 9.18 23.49
N GLN A 58 27.80 10.26 22.91
CA GLN A 58 28.07 11.62 23.37
C GLN A 58 26.78 12.36 23.71
N PRO A 59 26.02 11.85 24.69
CA PRO A 59 24.72 12.48 24.99
C PRO A 59 24.84 13.90 25.56
N GLU A 60 25.99 14.27 26.13
CA GLU A 60 26.15 15.66 26.58
C GLU A 60 26.24 16.64 25.42
N LEU A 61 26.74 16.19 24.27
CA LEU A 61 26.79 17.01 23.06
C LEU A 61 25.54 16.82 22.20
N PHE A 62 25.03 15.58 22.16
CA PHE A 62 23.87 15.19 21.35
C PHE A 62 22.74 14.81 22.31
N SER A 63 21.93 15.81 22.65
CA SER A 63 20.96 15.71 23.74
C SER A 63 19.59 15.21 23.26
N ASN A 64 18.88 14.52 24.15
CA ASN A 64 17.48 14.17 23.93
C ASN A 64 16.50 15.23 24.46
N ALA A 65 16.97 16.20 25.24
CA ALA A 65 16.06 17.11 25.94
C ALA A 65 15.42 18.18 25.06
N GLY A 66 15.83 18.31 23.80
CA GLY A 66 15.07 19.12 22.88
C GLY A 66 13.95 18.38 22.21
N GLY A 67 13.77 17.10 22.53
CA GLY A 67 12.78 16.27 21.87
C GLY A 67 13.41 15.41 20.78
N ILE A 68 12.81 14.23 20.55
CA ILE A 68 13.33 13.29 19.58
C ILE A 68 12.73 13.44 18.19
N ARG A 69 11.87 14.42 17.97
CA ARG A 69 11.31 14.65 16.64
C ARG A 69 11.84 15.95 16.07
N PRO A 70 11.91 16.09 14.74
CA PRO A 70 12.63 17.25 14.18
C PRO A 70 11.92 18.59 14.38
N ASP A 71 10.59 18.64 14.39
CA ASP A 71 9.91 19.93 14.42
C ASP A 71 8.87 19.96 15.54
N GLN A 72 9.19 19.33 16.66
CA GLN A 72 8.25 19.24 17.77
C GLN A 72 8.99 19.52 19.06
N ASP A 73 8.26 20.11 20.01
CA ASP A 73 8.77 20.35 21.35
C ASP A 73 8.88 19.04 22.12
N ALA A 74 9.76 19.05 23.14
CA ALA A 74 9.93 17.91 24.01
C ALA A 74 8.70 17.70 24.90
N LEU A 75 8.39 16.43 25.15
CA LEU A 75 7.34 15.95 26.05
C LEU A 75 7.95 15.46 27.35
N PRO A 76 7.18 15.46 28.44
CA PRO A 76 7.70 15.00 29.75
C PRO A 76 7.68 13.48 29.87
N MET A 77 8.50 12.81 29.06
CA MET A 77 8.65 11.36 29.10
C MET A 77 10.13 11.02 28.94
N MET A 78 10.51 9.79 29.33
CA MET A 78 11.93 9.51 29.55
C MET A 78 12.74 9.70 28.28
N ILE A 79 12.13 9.45 27.11
CA ILE A 79 12.91 9.47 25.87
C ILE A 79 13.27 10.89 25.48
N ASP A 80 12.61 11.90 26.06
CA ASP A 80 12.95 13.30 25.82
C ASP A 80 13.73 13.91 26.98
N MET A 81 14.46 13.08 27.73
CA MET A 81 15.22 13.52 28.90
C MET A 81 16.68 13.09 28.78
N ASP A 82 17.56 13.85 29.41
CA ASP A 82 18.96 13.48 29.54
C ASP A 82 19.25 12.99 30.96
N ASP A 83 20.38 12.33 31.12
CA ASP A 83 20.87 11.85 32.43
C ASP A 83 21.36 13.03 33.27
N PRO A 84 21.36 12.94 34.61
CA PRO A 84 20.97 11.72 35.33
C PRO A 84 19.47 11.57 35.57
N ALA A 85 18.69 12.60 35.30
CA ALA A 85 17.25 12.57 35.50
C ALA A 85 16.60 11.49 34.65
N HIS A 86 17.15 11.24 33.46
CA HIS A 86 16.63 10.15 32.64
C HIS A 86 16.82 8.80 33.31
N LEU A 87 17.93 8.62 34.05
CA LEU A 87 18.16 7.33 34.69
C LEU A 87 17.11 7.06 35.74
N LEU A 88 16.74 8.07 36.53
CA LEU A 88 15.72 7.84 37.56
C LEU A 88 14.41 7.40 36.93
N ARG A 89 13.94 8.14 35.93
CA ARG A 89 12.70 7.78 35.25
C ARG A 89 12.79 6.38 34.65
N ARG A 90 13.90 6.07 33.98
CA ARG A 90 14.07 4.74 33.41
C ARG A 90 14.11 3.66 34.50
N LYS A 91 14.88 3.90 35.58
CA LYS A 91 14.92 2.93 36.69
C LYS A 91 13.52 2.65 37.23
N LEU A 92 12.70 3.70 37.35
CA LEU A 92 11.35 3.53 37.88
C LEU A 92 10.50 2.67 36.95
N VAL A 93 10.52 2.99 35.65
CA VAL A 93 9.68 2.26 34.72
C VAL A 93 10.21 0.87 34.45
N ASN A 94 11.54 0.70 34.53
CA ASN A 94 12.09 -0.60 34.13
C ASN A 94 11.70 -1.71 35.11
N ALA A 95 11.15 -1.37 36.28
CA ALA A 95 10.61 -2.39 37.16
C ALA A 95 9.57 -3.24 36.46
N GLY A 96 8.84 -2.67 35.49
CA GLY A 96 7.88 -3.45 34.75
C GLY A 96 8.47 -4.30 33.64
N PHE A 97 9.78 -4.20 33.41
CA PHE A 97 10.42 -4.87 32.28
C PHE A 97 11.70 -5.58 32.72
N THR A 98 11.71 -6.10 33.95
CA THR A 98 12.76 -7.03 34.35
C THR A 98 12.75 -8.27 33.47
N ARG A 99 13.88 -8.98 33.45
CA ARG A 99 13.96 -10.16 32.58
C ARG A 99 12.94 -11.22 32.98
N LYS A 100 12.73 -11.43 34.29
CA LYS A 100 11.70 -12.36 34.76
C LYS A 100 10.33 -11.93 34.28
N ARG A 101 9.98 -10.65 34.47
CA ARG A 101 8.63 -10.21 34.16
C ARG A 101 8.32 -10.40 32.67
N VAL A 102 9.28 -10.07 31.81
CA VAL A 102 9.08 -10.25 30.38
C VAL A 102 9.03 -11.73 30.04
N LYS A 103 9.97 -12.52 30.57
CA LYS A 103 9.96 -13.95 30.29
C LYS A 103 8.65 -14.59 30.72
N ASP A 104 8.06 -14.11 31.81
CA ASP A 104 6.81 -14.66 32.31
C ASP A 104 5.63 -14.33 31.41
N LYS A 105 5.81 -13.45 30.41
CA LYS A 105 4.71 -13.15 29.51
C LYS A 105 4.59 -14.17 28.39
N GLU A 106 5.52 -15.13 28.30
CA GLU A 106 5.52 -16.06 27.17
C GLU A 106 4.20 -16.82 27.04
N ARG A 107 3.67 -17.30 28.18
CA ARG A 107 2.43 -18.08 28.13
C ARG A 107 1.29 -17.29 27.52
N SER A 108 1.08 -16.04 27.97
CA SER A 108 -0.02 -15.25 27.46
C SER A 108 0.23 -14.83 26.01
N ILE A 109 1.46 -14.44 25.69
CA ILE A 109 1.78 -14.05 24.32
C ILE A 109 1.58 -15.20 23.36
N ALA A 110 2.01 -16.40 23.74
CA ALA A 110 1.88 -17.55 22.86
C ALA A 110 0.41 -17.89 22.65
N GLN A 111 -0.40 -17.77 23.71
CA GLN A 111 -1.84 -17.96 23.58
C GLN A 111 -2.47 -16.92 22.66
N LEU A 112 -2.00 -15.67 22.72
CA LEU A 112 -2.50 -14.65 21.79
C LEU A 112 -2.16 -15.01 20.35
N CYS A 113 -0.93 -15.49 20.12
CA CYS A 113 -0.52 -15.88 18.78
C CYS A 113 -1.41 -16.99 18.22
N ASP A 114 -1.75 -17.96 19.06
CA ASP A 114 -2.56 -19.08 18.56
C ASP A 114 -3.99 -18.63 18.32
N THR A 115 -4.50 -17.72 19.15
CA THR A 115 -5.84 -17.18 18.93
C THR A 115 -5.91 -16.38 17.64
N LEU A 116 -4.88 -15.56 17.37
CA LEU A 116 -4.87 -14.79 16.12
C LEU A 116 -4.76 -15.71 14.90
N ILE A 117 -3.94 -16.75 14.98
CA ILE A 117 -3.84 -17.66 13.84
C ILE A 117 -5.12 -18.47 13.71
N ASP A 118 -5.74 -18.85 14.83
CA ASP A 118 -7.04 -19.52 14.77
C ASP A 118 -8.08 -18.73 13.99
N ALA A 119 -8.01 -17.40 14.03
CA ALA A 119 -9.04 -16.59 13.39
C ALA A 119 -8.98 -16.62 11.88
N VAL A 120 -7.83 -16.94 11.30
CA VAL A 120 -7.67 -16.91 9.85
C VAL A 120 -7.31 -18.26 9.25
N CYS A 121 -6.98 -19.27 10.07
CA CYS A 121 -6.35 -20.46 9.50
C CYS A 121 -7.30 -21.23 8.59
N GLU A 122 -8.61 -21.12 8.79
CA GLU A 122 -9.55 -21.82 7.92
C GLU A 122 -9.79 -21.11 6.58
N ARG A 123 -9.35 -19.85 6.43
CA ARG A 123 -9.66 -19.06 5.24
C ARG A 123 -8.73 -19.37 4.08
N GLY A 124 -7.47 -19.68 4.37
CA GLY A 124 -6.48 -19.88 3.32
C GLY A 124 -5.94 -18.60 2.72
N GLU A 125 -6.41 -17.45 3.16
CA GLU A 125 -5.84 -16.16 2.80
C GLU A 125 -6.04 -15.23 3.99
N CYS A 126 -5.17 -14.24 4.09
CA CYS A 126 -5.37 -13.16 5.04
C CYS A 126 -4.44 -12.02 4.68
N ASP A 127 -4.60 -10.90 5.38
CA ASP A 127 -3.61 -9.84 5.27
C ASP A 127 -2.68 -9.99 6.47
N PHE A 128 -1.41 -10.22 6.19
CA PHE A 128 -0.49 -10.51 7.27
C PHE A 128 -0.40 -9.33 8.23
N VAL A 129 -0.49 -8.10 7.72
CA VAL A 129 -0.42 -6.94 8.59
C VAL A 129 -1.70 -6.81 9.40
N ARG A 130 -2.84 -6.75 8.73
CA ARG A 130 -4.10 -6.46 9.42
CA ARG A 130 -4.10 -6.46 9.42
C ARG A 130 -4.48 -7.57 10.39
N ASP A 131 -4.22 -8.82 10.02
CA ASP A 131 -4.77 -9.94 10.77
C ASP A 131 -3.79 -10.61 11.73
N LEU A 132 -2.49 -10.39 11.59
CA LEU A 132 -1.52 -11.05 12.47
C LEU A 132 -0.55 -10.06 13.09
N ALA A 133 0.15 -9.29 12.25
CA ALA A 133 1.23 -8.46 12.76
C ALA A 133 0.71 -7.28 13.57
N ALA A 134 -0.41 -6.66 13.16
CA ALA A 134 -0.92 -5.49 13.87
C ALA A 134 -1.65 -5.87 15.17
N PRO A 135 -2.50 -6.90 15.19
CA PRO A 135 -3.22 -7.19 16.45
C PRO A 135 -2.31 -7.65 17.58
N LEU A 136 -1.21 -8.37 17.30
CA LEU A 136 -0.47 -9.00 18.40
C LEU A 136 0.17 -7.96 19.33
N PRO A 137 0.92 -6.98 18.85
CA PRO A 137 1.55 -6.05 19.79
C PRO A 137 0.54 -5.25 20.58
N MET A 138 -0.59 -4.92 19.97
CA MET A 138 -1.62 -4.17 20.68
CA MET A 138 -1.63 -4.18 20.68
C MET A 138 -2.28 -5.03 21.76
N ALA A 139 -2.51 -6.31 21.48
CA ALA A 139 -3.08 -7.19 22.49
C ALA A 139 -2.12 -7.39 23.64
N VAL A 140 -0.83 -7.52 23.34
CA VAL A 140 0.16 -7.73 24.39
C VAL A 140 0.22 -6.53 25.31
N ILE A 141 0.31 -5.32 24.73
CA ILE A 141 0.40 -4.10 25.53
C ILE A 141 -0.93 -3.84 26.23
N GLY A 142 -2.05 -4.07 25.52
CA GLY A 142 -3.35 -3.94 26.15
C GLY A 142 -3.49 -4.81 27.38
N ASP A 143 -3.06 -6.07 27.28
CA ASP A 143 -3.11 -6.99 28.43
C ASP A 143 -2.33 -6.44 29.61
N MET A 144 -1.12 -5.93 29.36
CA MET A 144 -0.31 -5.40 30.46
C MET A 144 -0.94 -4.15 31.08
N LEU A 145 -1.69 -3.38 30.30
CA LEU A 145 -2.33 -2.16 30.81
C LEU A 145 -3.75 -2.40 31.29
N GLY A 146 -4.20 -3.65 31.37
CA GLY A 146 -5.50 -3.92 31.92
C GLY A 146 -6.65 -3.65 30.99
N VAL A 147 -6.42 -3.74 29.68
CA VAL A 147 -7.45 -3.57 28.68
C VAL A 147 -8.12 -4.94 28.49
N LEU A 148 -9.38 -5.03 28.87
CA LEU A 148 -10.16 -6.23 28.61
C LEU A 148 -10.20 -6.50 27.10
N PRO A 149 -10.31 -7.75 26.69
CA PRO A 149 -10.54 -8.00 25.25
C PRO A 149 -11.81 -7.35 24.73
N GLU A 150 -12.80 -7.13 25.61
CA GLU A 150 -14.00 -6.39 25.23
C GLU A 150 -13.72 -4.90 25.03
N GLN A 151 -12.62 -4.39 25.60
CA GLN A 151 -12.24 -3.00 25.42
C GLN A 151 -11.22 -2.80 24.30
N ARG A 152 -10.85 -3.87 23.61
CA ARG A 152 -9.78 -3.78 22.61
C ARG A 152 -10.19 -2.95 21.40
N GLU A 153 -11.48 -2.98 21.04
CA GLU A 153 -11.94 -2.15 19.92
C GLU A 153 -11.76 -0.67 20.24
N MET A 154 -12.28 -0.25 21.40
CA MET A 154 -12.14 1.14 21.83
C MET A 154 -10.69 1.53 22.03
N PHE A 155 -9.89 0.66 22.67
CA PHE A 155 -8.49 0.95 22.90
C PHE A 155 -7.70 1.04 21.60
N LEU A 156 -8.09 0.27 20.58
CA LEU A 156 -7.36 0.27 19.33
C LEU A 156 -7.54 1.59 18.58
N ARG A 157 -8.74 2.16 18.64
CA ARG A 157 -8.95 3.46 18.00
C ARG A 157 -8.11 4.55 18.66
N TRP A 158 -8.03 4.52 20.00
CA TRP A 158 -7.15 5.45 20.71
C TRP A 158 -5.73 5.35 20.20
N SER A 159 -5.21 4.12 20.08
CA SER A 159 -3.80 3.92 19.74
C SER A 159 -3.48 4.47 18.35
N ASP A 160 -4.39 4.28 17.39
CA ASP A 160 -4.17 4.86 16.07
C ASP A 160 -4.26 6.37 16.12
N ASP A 161 -5.27 6.91 16.80
CA ASP A 161 -5.41 8.37 16.86
C ASP A 161 -4.30 9.00 17.70
N LEU A 162 -3.71 8.26 18.63
CA LEU A 162 -2.65 8.83 19.45
C LEU A 162 -1.36 8.96 18.66
N VAL A 163 -1.12 8.07 17.70
CA VAL A 163 0.02 8.26 16.80
C VAL A 163 -0.11 9.59 16.07
N THR A 164 -1.32 9.92 15.61
CA THR A 164 -1.55 11.20 14.96
C THR A 164 -1.31 12.36 15.93
N PHE A 165 -1.78 12.22 17.17
CA PHE A 165 -1.61 13.27 18.19
C PHE A 165 -0.16 13.70 18.33
N LEU A 166 0.74 12.72 18.38
CA LEU A 166 2.16 12.96 18.59
C LEU A 166 2.90 13.21 17.28
N SER A 167 2.21 13.14 16.14
CA SER A 167 2.86 13.27 14.85
C SER A 167 3.18 14.73 14.56
N SER A 168 3.84 14.97 13.41
CA SER A 168 4.40 16.29 13.12
C SER A 168 3.31 17.31 12.81
N HIS A 169 2.25 16.90 12.11
CA HIS A 169 1.18 17.80 11.73
C HIS A 169 -0.16 17.16 12.04
N VAL A 170 -0.99 17.85 12.81
CA VAL A 170 -2.38 17.47 13.01
C VAL A 170 -3.24 18.41 12.17
N SER A 171 -3.96 17.84 11.22
CA SER A 171 -4.85 18.64 10.38
C SER A 171 -6.01 19.18 11.20
N GLN A 172 -6.59 20.28 10.70
CA GLN A 172 -7.79 20.86 11.30
C GLN A 172 -8.87 19.79 11.47
N GLU A 173 -9.04 18.94 10.46
CA GLU A 173 -10.08 17.93 10.47
C GLU A 173 -9.81 16.85 11.51
N ASP A 174 -8.56 16.68 11.94
CA ASP A 174 -8.20 15.65 12.91
C ASP A 174 -8.05 16.19 14.33
N PHE A 175 -7.98 17.51 14.52
CA PHE A 175 -7.64 18.06 15.83
C PHE A 175 -8.55 17.52 16.93
N GLN A 176 -9.83 17.36 16.62
CA GLN A 176 -10.76 16.96 17.66
C GLN A 176 -10.56 15.50 18.06
N VAL A 177 -10.56 14.59 17.08
CA VAL A 177 -10.46 13.17 17.40
C VAL A 177 -9.12 12.87 18.08
N THR A 178 -8.08 13.64 17.75
CA THR A 178 -6.77 13.44 18.36
C THR A 178 -6.73 13.90 19.82
N ILE A 179 -7.23 15.09 20.13
CA ILE A 179 -7.24 15.49 21.55
C ILE A 179 -8.24 14.63 22.31
N ASP A 180 -9.28 14.16 21.64
CA ASP A 180 -10.22 13.26 22.30
C ASP A 180 -9.58 11.91 22.61
N ALA A 181 -8.65 11.46 21.77
CA ALA A 181 -7.98 10.19 22.05
C ALA A 181 -7.03 10.32 23.23
N PHE A 182 -6.30 11.44 23.33
CA PHE A 182 -5.44 11.64 24.49
C PHE A 182 -6.27 11.69 25.76
N ALA A 183 -7.36 12.47 25.74
CA ALA A 183 -8.21 12.57 26.91
C ALA A 183 -8.76 11.22 27.31
N ALA A 184 -9.20 10.42 26.32
CA ALA A 184 -9.76 9.11 26.64
C ALA A 184 -8.70 8.17 27.19
N TYR A 185 -7.50 8.17 26.60
CA TYR A 185 -6.40 7.37 27.12
C TYR A 185 -6.04 7.81 28.53
N ASN A 186 -5.96 9.12 28.73
CA ASN A 186 -5.62 9.68 30.04
C ASN A 186 -6.63 9.22 31.09
N ASP A 187 -7.92 9.36 30.78
CA ASP A 187 -8.95 9.03 31.75
C ASP A 187 -8.94 7.53 32.06
N PHE A 188 -8.80 6.71 31.01
CA PHE A 188 -8.74 5.26 31.20
C PHE A 188 -7.56 4.88 32.07
N THR A 189 -6.39 5.45 31.80
CA THR A 189 -5.18 5.07 32.52
C THR A 189 -5.25 5.51 33.97
N ARG A 190 -5.77 6.71 34.22
CA ARG A 190 -5.89 7.14 35.60
C ARG A 190 -6.87 6.27 36.38
N ALA A 191 -7.90 5.76 35.70
CA ALA A 191 -8.81 4.81 36.34
C ALA A 191 -8.10 3.51 36.70
N THR A 192 -7.28 2.98 35.79
CA THR A 192 -6.52 1.77 36.11
C THR A 192 -5.58 2.04 37.26
N ILE A 193 -4.87 3.17 37.24
CA ILE A 193 -3.94 3.50 38.31
C ILE A 193 -4.66 3.51 39.65
N ALA A 194 -5.80 4.21 39.70
CA ALA A 194 -6.55 4.30 40.96
C ALA A 194 -6.99 2.91 41.40
N ALA A 195 -7.39 2.07 40.46
CA ALA A 195 -7.83 0.73 40.81
C ALA A 195 -6.69 -0.08 41.42
N ARG A 196 -5.48 0.03 40.86
CA ARG A 196 -4.36 -0.73 41.41
C ARG A 196 -3.85 -0.15 42.73
N ARG A 197 -3.97 1.17 42.96
CA ARG A 197 -3.63 1.69 44.27
C ARG A 197 -4.60 1.18 45.33
N ALA A 198 -5.84 0.87 44.93
CA ALA A 198 -6.85 0.35 45.85
C ALA A 198 -6.74 -1.15 46.03
N GLU A 199 -6.32 -1.85 44.97
CA GLU A 199 -6.35 -3.32 44.95
C GLU A 199 -5.25 -3.75 44.02
N PRO A 200 -4.04 -3.96 44.54
CA PRO A 200 -2.91 -4.27 43.66
C PRO A 200 -3.01 -5.68 43.12
N THR A 201 -2.50 -5.84 41.90
CA THR A 201 -2.40 -7.15 41.25
C THR A 201 -0.96 -7.32 40.81
N ASP A 202 -0.70 -8.14 39.79
CA ASP A 202 0.67 -8.26 39.33
C ASP A 202 0.81 -7.82 37.88
N ASP A 203 -0.05 -6.90 37.43
CA ASP A 203 0.03 -6.41 36.07
C ASP A 203 0.98 -5.21 36.01
N LEU A 204 1.14 -4.65 34.82
CA LEU A 204 2.16 -3.62 34.64
C LEU A 204 1.86 -2.40 35.50
N VAL A 205 0.60 -1.94 35.51
CA VAL A 205 0.29 -0.73 36.26
C VAL A 205 0.50 -0.95 37.75
N SER A 206 0.14 -2.13 38.27
CA SER A 206 0.44 -2.41 39.68
C SER A 206 1.92 -2.28 39.96
N VAL A 207 2.76 -2.86 39.10
CA VAL A 207 4.20 -2.76 39.29
C VAL A 207 4.66 -1.31 39.23
N LEU A 208 4.12 -0.53 38.29
CA LEU A 208 4.59 0.85 38.15
C LEU A 208 4.13 1.73 39.31
N VAL A 209 2.95 1.49 39.87
CA VAL A 209 2.49 2.35 40.97
C VAL A 209 3.31 2.11 42.22
N SER A 210 3.88 0.91 42.38
N SER A 210 3.88 0.90 42.37
CA SER A 210 4.67 0.59 43.56
CA SER A 210 4.67 0.59 43.56
C SER A 210 6.16 0.81 43.38
C SER A 210 6.15 0.86 43.38
N SER A 211 6.61 1.04 42.15
CA SER A 211 8.03 1.21 41.88
C SER A 211 8.60 2.40 42.65
N GLU A 212 9.74 2.18 43.31
CA GLU A 212 10.36 3.22 44.12
C GLU A 212 11.86 3.13 43.98
N VAL A 213 12.50 4.27 43.71
CA VAL A 213 13.94 4.37 43.55
C VAL A 213 14.39 5.59 44.34
N ASP A 214 15.28 5.39 45.33
CA ASP A 214 15.83 6.48 46.10
C ASP A 214 14.73 7.29 46.80
N GLY A 215 13.71 6.58 47.29
CA GLY A 215 12.58 7.25 47.91
C GLY A 215 11.72 8.05 46.97
N GLU A 216 11.85 7.86 45.66
CA GLU A 216 11.02 8.55 44.68
C GLU A 216 10.10 7.55 43.99
N ARG A 217 8.91 8.00 43.65
CA ARG A 217 7.92 7.18 42.96
C ARG A 217 7.48 7.90 41.70
N LEU A 218 6.77 7.18 40.82
CA LEU A 218 6.19 7.82 39.64
C LEU A 218 4.90 8.53 40.02
N SER A 219 4.79 9.80 39.64
CA SER A 219 3.54 10.52 39.82
C SER A 219 2.48 10.01 38.83
N ASP A 220 1.22 10.35 39.08
CA ASP A 220 0.17 9.95 38.15
C ASP A 220 0.42 10.54 36.76
N ASP A 221 0.83 11.82 36.70
CA ASP A 221 1.20 12.44 35.43
C ASP A 221 2.24 11.61 34.71
N GLU A 222 3.31 11.24 35.43
CA GLU A 222 4.40 10.46 34.85
C GLU A 222 3.91 9.09 34.39
N LEU A 223 3.02 8.47 35.18
CA LEU A 223 2.52 7.16 34.80
C LEU A 223 1.75 7.21 33.49
N VAL A 224 0.92 8.23 33.29
CA VAL A 224 0.21 8.37 32.02
C VAL A 224 1.21 8.56 30.88
N MET A 225 2.19 9.43 31.08
CA MET A 225 3.15 9.71 30.01
C MET A 225 3.98 8.47 29.67
N GLU A 226 4.43 7.75 30.70
CA GLU A 226 5.33 6.62 30.43
C GLU A 226 4.57 5.42 29.87
N THR A 227 3.33 5.16 30.35
CA THR A 227 2.55 4.11 29.71
C THR A 227 2.19 4.49 28.28
N LEU A 228 1.95 5.78 28.01
CA LEU A 228 1.71 6.19 26.63
C LEU A 228 2.94 5.94 25.75
N LEU A 229 4.13 6.24 26.28
CA LEU A 229 5.36 5.94 25.55
C LEU A 229 5.50 4.45 25.29
N ILE A 230 5.19 3.62 26.29
CA ILE A 230 5.23 2.17 26.10
C ILE A 230 4.26 1.75 25.00
N LEU A 231 3.04 2.30 25.01
CA LEU A 231 2.03 1.91 24.03
C LEU A 231 2.44 2.32 22.62
N ILE A 232 2.77 3.59 22.42
CA ILE A 232 3.12 4.03 21.07
C ILE A 232 4.45 3.45 20.66
N GLY A 233 5.41 3.39 21.59
CA GLY A 233 6.74 2.92 21.26
C GLY A 233 6.80 1.44 20.93
N GLY A 234 5.88 0.66 21.48
CA GLY A 234 6.00 -0.77 21.30
C GLY A 234 4.95 -1.42 20.43
N ASP A 235 4.02 -0.61 19.91
CA ASP A 235 2.93 -1.17 19.13
C ASP A 235 3.30 -1.25 17.65
N GLU A 236 3.30 -0.12 16.95
CA GLU A 236 3.51 -0.16 15.50
C GLU A 236 4.91 -0.66 15.15
N THR A 237 5.89 -0.37 16.01
CA THR A 237 7.25 -0.84 15.77
C THR A 237 7.30 -2.36 15.65
N THR A 238 6.80 -3.05 16.68
CA THR A 238 6.82 -4.51 16.70
C THR A 238 6.05 -5.06 15.51
N ARG A 239 4.91 -4.45 15.20
CA ARG A 239 4.12 -4.83 14.04
C ARG A 239 4.97 -4.85 12.79
N HIS A 240 5.71 -3.76 12.55
CA HIS A 240 6.47 -3.62 11.33
C HIS A 240 7.62 -4.61 11.23
N THR A 241 8.25 -4.98 12.34
CA THR A 241 9.29 -5.99 12.23
C THR A 241 8.69 -7.36 11.92
N LEU A 242 7.54 -7.67 12.51
CA LEU A 242 6.88 -8.94 12.22
C LEU A 242 6.51 -9.05 10.75
N SER A 243 5.86 -8.01 10.20
CA SER A 243 5.40 -8.09 8.82
C SER A 243 6.57 -8.02 7.83
N GLY A 244 7.45 -7.03 8.00
CA GLY A 244 8.56 -6.86 7.07
C GLY A 244 9.57 -7.98 7.16
N GLY A 245 9.78 -8.51 8.37
CA GLY A 245 10.65 -9.66 8.52
C GLY A 245 10.06 -10.90 7.88
N SER A 246 8.77 -11.13 8.08
CA SER A 246 8.14 -12.27 7.42
C SER A 246 8.13 -12.10 5.91
N GLU A 247 7.92 -10.86 5.43
CA GLU A 247 8.03 -10.61 3.99
C GLU A 247 9.37 -11.09 3.45
N GLN A 248 10.45 -10.81 4.16
CA GLN A 248 11.77 -11.21 3.67
C GLN A 248 11.96 -12.72 3.71
N LEU A 249 11.38 -13.41 4.70
CA LEU A 249 11.46 -14.86 4.71
C LEU A 249 10.75 -15.45 3.50
N LEU A 250 9.65 -14.83 3.07
CA LEU A 250 8.88 -15.34 1.95
C LEU A 250 9.53 -14.97 0.62
N ARG A 251 10.09 -13.77 0.51
CA ARG A 251 10.75 -13.38 -0.73
C ARG A 251 12.06 -14.12 -0.95
N ASN A 252 12.67 -14.61 0.13
CA ASN A 252 13.88 -15.41 0.07
C ASN A 252 13.53 -16.76 0.68
N ARG A 253 12.80 -17.58 -0.09
CA ARG A 253 12.19 -18.75 0.53
C ARG A 253 13.21 -19.76 1.03
N ASP A 254 14.46 -19.71 0.54
CA ASP A 254 15.50 -20.55 1.14
C ASP A 254 15.67 -20.24 2.63
N GLN A 255 15.44 -18.98 3.04
CA GLN A 255 15.53 -18.61 4.45
C GLN A 255 14.34 -19.13 5.24
N TRP A 256 13.15 -19.04 4.64
CA TRP A 256 11.96 -19.65 5.23
C TRP A 256 12.18 -21.14 5.47
N ASP A 257 12.71 -21.85 4.45
CA ASP A 257 12.96 -23.28 4.58
C ASP A 257 13.98 -23.58 5.67
N LEU A 258 15.06 -22.79 5.73
CA LEU A 258 16.08 -23.00 6.75
C LEU A 258 15.50 -22.88 8.14
N LEU A 259 14.69 -21.84 8.36
CA LEU A 259 14.11 -21.62 9.67
C LEU A 259 13.11 -22.71 10.02
N GLN A 260 12.27 -23.09 9.05
CA GLN A 260 11.29 -24.14 9.29
C GLN A 260 11.96 -25.45 9.65
N SER A 261 13.16 -25.71 9.10
CA SER A 261 13.87 -26.96 9.32
C SER A 261 14.65 -26.99 10.63
N ASP A 262 14.88 -25.85 11.28
CA ASP A 262 15.80 -25.80 12.41
C ASP A 262 15.39 -24.66 13.34
N ARG A 263 14.68 -25.01 14.42
CA ARG A 263 14.22 -24.01 15.38
C ARG A 263 15.37 -23.27 16.05
N GLU A 264 16.59 -23.84 16.05
CA GLU A 264 17.69 -23.13 16.67
C GLU A 264 18.11 -21.90 15.89
N LEU A 265 17.64 -21.75 14.66
CA LEU A 265 17.96 -20.56 13.88
C LEU A 265 17.03 -19.40 14.18
N LEU A 266 16.01 -19.61 15.01
CA LEU A 266 15.02 -18.55 15.25
C LEU A 266 15.63 -17.29 15.86
N PRO A 267 16.50 -17.36 16.89
CA PRO A 267 17.03 -16.09 17.44
C PRO A 267 17.76 -15.27 16.40
N GLY A 268 18.59 -15.92 15.57
CA GLY A 268 19.28 -15.18 14.53
C GLY A 268 18.34 -14.60 13.49
N ALA A 269 17.28 -15.34 13.18
CA ALA A 269 16.27 -14.84 12.24
C ALA A 269 15.62 -13.57 12.76
N ILE A 270 15.25 -13.57 14.04
CA ILE A 270 14.63 -12.37 14.63
C ILE A 270 15.58 -11.17 14.52
N GLU A 271 16.87 -11.39 14.78
CA GLU A 271 17.82 -10.28 14.69
C GLU A 271 17.94 -9.75 13.26
N GLU A 272 17.91 -10.65 12.26
CA GLU A 272 17.97 -10.18 10.88
C GLU A 272 16.68 -9.48 10.47
N MET A 273 15.55 -9.92 11.02
CA MET A 273 14.30 -9.22 10.77
C MET A 273 14.36 -7.81 11.33
N LEU A 274 14.94 -7.65 12.52
CA LEU A 274 15.08 -6.33 13.14
C LEU A 274 16.04 -5.48 12.34
N ARG A 275 17.20 -6.03 11.97
CA ARG A 275 18.15 -5.24 11.20
C ARG A 275 17.50 -4.71 9.92
N TRP A 276 16.81 -5.59 9.20
CA TRP A 276 16.28 -5.27 7.88
C TRP A 276 15.15 -4.26 7.95
N THR A 277 14.23 -4.43 8.92
CA THR A 277 13.01 -3.63 8.92
C THR A 277 13.20 -2.26 9.55
N ALA A 278 14.11 -2.15 10.53
CA ALA A 278 14.39 -0.91 11.25
C ALA A 278 13.17 0.00 11.33
N PRO A 279 12.14 -0.38 12.07
CA PRO A 279 10.88 0.39 12.02
C PRO A 279 11.02 1.81 12.50
N VAL A 280 11.88 2.10 13.47
CA VAL A 280 12.15 3.48 13.86
C VAL A 280 13.19 4.00 12.88
N LYS A 281 12.74 4.86 11.96
CA LYS A 281 13.63 5.32 10.91
C LYS A 281 14.59 6.39 11.41
N ASN A 282 14.20 7.06 12.48
CA ASN A 282 15.07 8.12 13.02
C ASN A 282 14.67 8.60 14.39
N MET A 283 15.68 9.02 15.15
CA MET A 283 15.45 9.72 16.43
C MET A 283 16.36 10.94 16.33
N CYS A 284 15.89 12.07 16.79
CA CYS A 284 16.69 13.29 16.75
C CYS A 284 17.52 13.47 18.02
N ARG A 285 18.61 14.21 17.88
CA ARG A 285 19.39 14.74 18.98
C ARG A 285 19.55 16.23 18.73
N MET A 286 19.67 17.01 19.80
CA MET A 286 19.83 18.45 19.63
C MET A 286 21.23 18.82 20.12
N LEU A 287 21.94 19.61 19.33
CA LEU A 287 23.32 19.93 19.65
C LEU A 287 23.37 20.91 20.81
N THR A 288 24.25 20.65 21.77
CA THR A 288 24.42 21.53 22.92
C THR A 288 25.59 22.49 22.71
N ALA A 289 26.29 22.37 21.59
CA ALA A 289 27.40 23.25 21.26
C ALA A 289 27.69 23.11 19.79
N ASP A 290 28.38 24.10 19.22
CA ASP A 290 28.96 23.92 17.89
C ASP A 290 29.95 22.77 17.91
N THR A 291 30.05 22.04 16.79
CA THR A 291 30.98 20.93 16.73
C THR A 291 31.25 20.56 15.27
N GLU A 292 32.40 19.93 15.06
CA GLU A 292 32.79 19.35 13.78
C GLU A 292 32.60 17.84 13.85
N PHE A 293 31.65 17.31 13.08
CA PHE A 293 31.20 15.93 13.22
C PHE A 293 31.35 15.20 11.88
N HIS A 294 32.37 14.35 11.78
CA HIS A 294 32.63 13.53 10.60
C HIS A 294 32.54 14.33 9.30
N GLY A 295 33.12 15.53 9.32
CA GLY A 295 33.22 16.37 8.14
C GLY A 295 32.13 17.40 7.97
N THR A 296 31.17 17.47 8.89
CA THR A 296 30.07 18.42 8.78
C THR A 296 30.03 19.32 10.01
N ALA A 297 30.00 20.63 9.78
CA ALA A 297 29.88 21.60 10.86
C ALA A 297 28.44 21.64 11.35
N LEU A 298 28.24 21.36 12.64
CA LEU A 298 26.94 21.42 13.27
C LEU A 298 26.88 22.57 14.27
N SER A 299 25.72 23.18 14.39
CA SER A 299 25.54 24.37 15.20
C SER A 299 24.74 24.05 16.46
N GLU A 300 25.11 24.71 17.56
CA GLU A 300 24.34 24.63 18.79
C GLU A 300 22.87 24.91 18.51
N GLY A 301 22.00 24.06 19.05
CA GLY A 301 20.57 24.26 18.99
C GLY A 301 19.88 23.56 17.84
N GLU A 302 20.60 23.15 16.80
CA GLU A 302 19.95 22.45 15.70
C GLU A 302 19.85 20.96 16.04
N LYS A 303 18.93 20.28 15.34
CA LYS A 303 18.72 18.86 15.54
C LYS A 303 19.37 18.07 14.42
N ILE A 304 19.78 16.85 14.74
CA ILE A 304 20.34 15.90 13.77
C ILE A 304 19.55 14.61 13.89
N MET A 305 19.17 14.02 12.75
CA MET A 305 18.54 12.70 12.80
C MET A 305 19.56 11.58 12.78
N LEU A 306 19.33 10.59 13.64
CA LEU A 306 20.06 9.33 13.60
C LEU A 306 19.29 8.39 12.69
N LEU A 307 19.88 8.03 11.55
CA LEU A 307 19.19 7.21 10.55
C LEU A 307 19.49 5.74 10.82
N PHE A 308 18.65 5.09 11.63
CA PHE A 308 18.96 3.74 12.06
C PHE A 308 18.90 2.75 10.89
N GLU A 309 17.98 2.93 9.95
CA GLU A 309 17.94 1.99 8.83
C GLU A 309 19.18 2.14 7.97
N SER A 310 19.62 3.37 7.77
CA SER A 310 20.85 3.60 7.00
C SER A 310 22.03 2.90 7.67
N ALA A 311 22.15 3.06 8.98
CA ALA A 311 23.22 2.39 9.73
C ALA A 311 23.13 0.88 9.57
N ASN A 312 21.92 0.34 9.52
CA ASN A 312 21.72 -1.10 9.46
C ASN A 312 22.06 -1.68 8.11
N PHE A 313 22.28 -0.84 7.11
CA PHE A 313 22.71 -1.30 5.80
C PHE A 313 24.10 -0.76 5.46
N ASP A 314 24.86 -0.39 6.48
CA ASP A 314 26.21 0.15 6.28
C ASP A 314 27.20 -0.97 5.95
N GLU A 315 27.76 -0.94 4.74
CA GLU A 315 28.70 -1.96 4.29
C GLU A 315 29.98 -1.98 5.13
N ALA A 316 30.30 -0.89 5.83
CA ALA A 316 31.46 -0.87 6.71
C ALA A 316 31.33 -1.83 7.88
N VAL A 317 30.10 -2.23 8.21
CA VAL A 317 29.83 -3.08 9.37
C VAL A 317 29.21 -4.40 8.95
N PHE A 318 28.31 -4.39 7.97
CA PHE A 318 27.56 -5.55 7.54
C PHE A 318 27.99 -5.97 6.15
N THR A 319 28.59 -7.16 6.06
CA THR A 319 28.95 -7.74 4.76
C THR A 319 27.70 -8.08 3.96
N ASP A 320 27.64 -7.58 2.73
CA ASP A 320 26.52 -7.87 1.83
C ASP A 320 25.19 -7.49 2.49
N PRO A 321 25.00 -6.22 2.82
CA PRO A 321 23.85 -5.86 3.67
C PRO A 321 22.49 -5.99 2.97
N GLU A 322 22.43 -6.01 1.66
CA GLU A 322 21.15 -6.22 0.99
C GLU A 322 20.82 -7.70 0.81
N LYS A 323 21.62 -8.61 1.35
CA LYS A 323 21.26 -10.01 1.44
C LYS A 323 20.57 -10.25 2.79
N PHE A 324 19.36 -10.77 2.74
CA PHE A 324 18.67 -11.14 3.98
C PHE A 324 19.15 -12.52 4.40
N ASP A 325 19.82 -12.59 5.56
CA ASP A 325 20.52 -13.81 5.98
C ASP A 325 20.21 -14.04 7.46
N ILE A 326 19.35 -15.03 7.75
CA ILE A 326 18.98 -15.29 9.14
C ILE A 326 20.16 -15.82 9.93
N GLN A 327 21.23 -16.28 9.28
CA GLN A 327 22.39 -16.76 10.00
C GLN A 327 23.48 -15.70 10.11
N ARG A 328 23.17 -14.45 9.75
CA ARG A 328 24.15 -13.37 9.83
C ARG A 328 24.74 -13.27 11.23
N ASN A 329 26.08 -13.23 11.29
CA ASN A 329 26.79 -13.15 12.56
C ASN A 329 28.14 -12.53 12.24
N PRO A 330 28.52 -11.41 12.87
CA PRO A 330 27.73 -10.73 13.91
C PRO A 330 26.56 -9.97 13.32
N ASN A 331 25.62 -9.56 14.17
CA ASN A 331 24.47 -8.81 13.71
C ASN A 331 24.15 -7.71 14.72
N SER A 332 25.11 -6.81 14.89
CA SER A 332 25.01 -5.74 15.87
C SER A 332 24.26 -4.54 15.30
N HIS A 333 23.01 -4.80 14.91
CA HIS A 333 22.17 -3.78 14.29
C HIS A 333 21.73 -2.74 15.32
N LEU A 334 21.25 -1.60 14.81
CA LEU A 334 20.83 -0.48 15.63
C LEU A 334 19.31 -0.26 15.56
N ALA A 335 18.53 -1.31 15.30
CA ALA A 335 17.07 -1.13 15.26
C ALA A 335 16.54 -0.60 16.58
N PHE A 336 17.15 -0.98 17.69
CA PHE A 336 16.78 -0.55 19.03
C PHE A 336 17.62 0.61 19.53
N GLY A 337 18.43 1.21 18.64
CA GLY A 337 19.33 2.25 19.08
C GLY A 337 20.55 1.70 19.81
N PHE A 338 21.10 2.56 20.65
CA PHE A 338 22.36 2.29 21.33
C PHE A 338 22.52 3.31 22.45
N GLY A 339 23.12 2.89 23.55
CA GLY A 339 23.45 3.85 24.59
C GLY A 339 22.40 4.02 25.66
N THR A 340 22.35 5.21 26.27
CA THR A 340 21.50 5.34 27.45
C THR A 340 20.01 5.23 27.12
N HIS A 341 19.60 5.51 25.88
CA HIS A 341 18.20 5.38 25.51
C HIS A 341 17.88 4.07 24.79
N PHE A 342 18.82 3.14 24.74
CA PHE A 342 18.61 1.83 24.12
C PHE A 342 17.26 1.27 24.51
N CYS A 343 16.48 0.84 23.51
CA CYS A 343 15.06 0.49 23.69
C CYS A 343 14.79 -0.28 24.98
N MET A 344 13.93 0.30 25.84
CA MET A 344 13.57 -0.40 27.07
C MET A 344 12.74 -1.65 26.80
N GLY A 345 12.00 -1.68 25.69
CA GLY A 345 11.16 -2.80 25.37
C GLY A 345 11.80 -3.89 24.53
N ASN A 346 13.13 -3.86 24.36
CA ASN A 346 13.77 -4.71 23.36
C ASN A 346 13.54 -6.20 23.65
N GLN A 347 13.53 -6.60 24.94
CA GLN A 347 13.35 -8.01 25.24
C GLN A 347 11.91 -8.45 24.97
N LEU A 348 10.95 -7.59 25.30
CA LEU A 348 9.55 -7.91 25.04
C LEU A 348 9.27 -7.97 23.54
N ALA A 349 9.82 -7.02 22.77
CA ALA A 349 9.66 -7.06 21.32
C ALA A 349 10.24 -8.34 20.75
N ARG A 350 11.46 -8.69 21.16
CA ARG A 350 12.08 -9.91 20.66
C ARG A 350 11.24 -11.14 20.99
N LEU A 351 10.63 -11.17 22.19
CA LEU A 351 9.83 -12.32 22.59
C LEU A 351 8.55 -12.41 21.74
N GLU A 352 7.88 -11.28 21.52
CA GLU A 352 6.69 -11.29 20.67
C GLU A 352 7.05 -11.77 19.27
N LEU A 353 8.14 -11.25 18.71
CA LEU A 353 8.56 -11.62 17.36
C LEU A 353 8.92 -13.09 17.29
N SER A 354 9.66 -13.58 18.30
N SER A 354 9.64 -13.59 18.30
CA SER A 354 10.06 -14.98 18.36
CA SER A 354 10.04 -15.00 18.32
C SER A 354 8.84 -15.90 18.39
C SER A 354 8.83 -15.91 18.39
N LEU A 355 7.92 -15.63 19.32
CA LEU A 355 6.76 -16.50 19.52
C LEU A 355 5.83 -16.48 18.30
N MET A 356 5.57 -15.31 17.72
CA MET A 356 4.67 -15.29 16.57
C MET A 356 5.32 -15.93 15.35
N THR A 357 6.60 -15.61 15.10
CA THR A 357 7.26 -16.20 13.93
C THR A 357 7.32 -17.71 14.06
N ALA A 358 7.60 -18.22 15.26
CA ALA A 358 7.63 -19.67 15.45
C ALA A 358 6.28 -20.29 15.14
N ARG A 359 5.19 -19.64 15.58
CA ARG A 359 3.86 -20.21 15.37
C ARG A 359 3.43 -20.11 13.92
N VAL A 360 3.82 -19.03 13.22
CA VAL A 360 3.49 -18.90 11.81
C VAL A 360 4.20 -19.96 11.00
N VAL A 361 5.50 -20.17 11.25
CA VAL A 361 6.23 -21.17 10.49
C VAL A 361 5.67 -22.56 10.74
N GLN A 362 5.15 -22.81 11.95
CA GLN A 362 4.62 -24.13 12.27
C GLN A 362 3.19 -24.32 11.74
N ARG A 363 2.33 -23.31 11.89
CA ARG A 363 0.91 -23.48 11.64
C ARG A 363 0.47 -23.02 10.25
N LEU A 364 1.23 -22.12 9.61
CA LEU A 364 1.01 -21.73 8.22
C LEU A 364 2.24 -22.14 7.41
N PRO A 365 2.55 -23.43 7.38
CA PRO A 365 3.87 -23.84 6.88
C PRO A 365 4.11 -23.56 5.41
N ASP A 366 3.06 -23.44 4.59
CA ASP A 366 3.25 -23.14 3.17
C ASP A 366 2.86 -21.70 2.86
N LEU A 367 2.91 -20.83 3.88
CA LEU A 367 2.65 -19.40 3.68
C LEU A 367 3.37 -18.86 2.46
N ARG A 368 2.67 -18.02 1.69
CA ARG A 368 3.28 -17.39 0.53
C ARG A 368 2.64 -16.03 0.32
N LEU A 369 3.39 -15.13 -0.31
CA LEU A 369 2.83 -13.86 -0.74
C LEU A 369 1.82 -14.12 -1.85
N ALA A 370 0.73 -13.36 -1.87
CA ALA A 370 -0.24 -13.54 -2.94
C ALA A 370 0.38 -13.24 -4.30
N ASP A 371 1.21 -12.20 -4.38
CA ASP A 371 1.86 -11.78 -5.63
C ASP A 371 3.26 -11.27 -5.30
N GLN A 372 4.28 -12.04 -5.65
CA GLN A 372 5.64 -11.63 -5.35
C GLN A 372 6.08 -10.41 -6.14
N ASP A 373 5.41 -10.09 -7.24
CA ASP A 373 5.83 -8.91 -7.99
C ASP A 373 5.22 -7.62 -7.46
N SER A 374 4.36 -7.69 -6.44
CA SER A 374 3.86 -6.48 -5.82
C SER A 374 4.97 -5.74 -5.09
N ARG A 375 4.92 -4.41 -5.16
CA ARG A 375 5.68 -3.56 -4.26
C ARG A 375 4.68 -3.16 -3.17
N LEU A 376 4.81 -3.78 -2.01
CA LEU A 376 3.79 -3.59 -0.99
C LEU A 376 3.84 -2.17 -0.42
N PRO A 377 2.70 -1.61 -0.06
CA PRO A 377 2.69 -0.22 0.42
C PRO A 377 3.25 -0.08 1.83
N LEU A 378 3.99 1.01 2.02
CA LEU A 378 4.64 1.37 3.27
C LEU A 378 3.97 2.62 3.83
N ARG A 379 3.99 2.74 5.16
CA ARG A 379 3.37 3.89 5.83
C ARG A 379 4.14 5.16 5.53
N PRO A 380 3.50 6.19 4.96
CA PRO A 380 4.21 7.47 4.69
C PRO A 380 4.32 8.35 5.92
N ALA A 381 5.13 7.92 6.89
CA ALA A 381 5.35 8.63 8.14
C ALA A 381 6.85 8.82 8.31
N ASN A 382 7.24 9.91 8.95
CA ASN A 382 8.66 10.27 9.02
C ASN A 382 9.35 9.74 10.26
N PHE A 383 8.68 8.90 11.06
CA PHE A 383 9.21 8.44 12.34
C PHE A 383 9.22 6.92 12.39
N VAL A 384 8.08 6.29 12.54
CA VAL A 384 7.96 4.84 12.51
C VAL A 384 7.24 4.45 11.22
N SER A 385 7.83 3.52 10.47
CA SER A 385 7.21 3.13 9.22
C SER A 385 7.48 1.66 8.91
N GLY A 386 6.53 1.07 8.19
CA GLY A 386 6.65 -0.29 7.71
C GLY A 386 5.43 -0.63 6.88
N LEU A 387 5.16 -1.92 6.69
CA LEU A 387 4.14 -2.32 5.74
C LEU A 387 2.74 -1.94 6.16
N GLU A 388 1.96 -1.43 5.19
CA GLU A 388 0.55 -1.13 5.42
C GLU A 388 -0.35 -2.33 5.16
N SER A 389 0.08 -3.21 4.27
CA SER A 389 -0.67 -4.40 3.91
C SER A 389 0.28 -5.43 3.34
N MET A 390 -0.16 -6.68 3.36
CA MET A 390 0.67 -7.81 2.96
C MET A 390 -0.22 -9.01 2.68
N PRO A 391 -0.85 -9.08 1.51
CA PRO A 391 -1.73 -10.22 1.22
C PRO A 391 -0.93 -11.53 1.14
N VAL A 392 -1.39 -12.53 1.89
CA VAL A 392 -0.74 -13.84 1.91
C VAL A 392 -1.78 -14.92 1.68
N VAL A 393 -1.28 -16.09 1.25
CA VAL A 393 -2.07 -17.27 0.93
C VAL A 393 -1.42 -18.48 1.60
N PHE A 394 -2.23 -19.49 1.93
CA PHE A 394 -1.74 -20.67 2.63
C PHE A 394 -2.82 -21.72 2.55
N THR A 395 -2.43 -22.97 2.80
CA THR A 395 -3.40 -24.05 2.83
C THR A 395 -4.20 -23.98 4.13
N PRO A 396 -5.53 -24.00 4.06
CA PRO A 396 -6.35 -23.93 5.28
C PRO A 396 -6.06 -25.09 6.22
N SER A 397 -6.23 -24.81 7.50
CA SER A 397 -6.11 -25.82 8.55
C SER A 397 -7.18 -25.56 9.60
N ARG A 398 -7.31 -26.50 10.53
CA ARG A 398 -8.36 -26.39 11.53
C ARG A 398 -7.83 -25.62 12.75
N PRO A 399 -8.65 -24.78 13.39
CA PRO A 399 -8.15 -24.04 14.54
C PRO A 399 -7.84 -24.95 15.70
N LEU A 400 -6.95 -24.48 16.57
CA LEU A 400 -6.63 -25.19 17.79
C LEU A 400 -7.65 -24.92 18.89
N SER A 401 -8.34 -23.78 18.82
CA SER A 401 -9.35 -23.35 19.78
C SER A 401 -9.00 -23.66 21.23
N LYS B 7 -18.71 -26.64 -25.28
CA LYS B 7 -20.06 -26.65 -25.86
C LYS B 7 -20.59 -25.24 -26.19
N PRO B 8 -20.38 -24.24 -25.32
CA PRO B 8 -20.74 -22.86 -25.72
C PRO B 8 -20.01 -22.45 -26.99
N ASP B 9 -20.79 -22.00 -27.97
CA ASP B 9 -20.25 -21.53 -29.25
C ASP B 9 -19.99 -20.02 -29.13
N VAL B 10 -18.75 -19.67 -28.82
CA VAL B 10 -18.40 -18.27 -28.54
C VAL B 10 -17.19 -17.88 -29.38
N ASP B 11 -17.12 -16.60 -29.72
CA ASP B 11 -15.96 -15.99 -30.38
C ASP B 11 -15.42 -14.95 -29.41
N LEU B 12 -14.25 -15.22 -28.85
CA LEU B 12 -13.72 -14.32 -27.83
C LEU B 12 -13.06 -13.08 -28.41
N THR B 13 -12.96 -12.93 -29.72
CA THR B 13 -12.56 -11.68 -30.34
C THR B 13 -13.75 -10.86 -30.84
N ASP B 14 -14.96 -11.36 -30.63
CA ASP B 14 -16.20 -10.67 -31.02
C ASP B 14 -16.64 -9.77 -29.87
N GLY B 15 -16.60 -8.46 -30.08
CA GLY B 15 -17.06 -7.54 -29.05
C GLY B 15 -18.47 -7.81 -28.57
N ASN B 16 -19.32 -8.38 -29.43
CA ASN B 16 -20.69 -8.66 -29.02
C ASN B 16 -20.75 -9.71 -27.91
N PHE B 17 -19.75 -10.58 -27.80
CA PHE B 17 -19.75 -11.56 -26.72
C PHE B 17 -19.66 -10.86 -25.37
N TYR B 18 -18.80 -9.84 -25.26
CA TYR B 18 -18.63 -9.14 -23.99
C TYR B 18 -19.78 -8.20 -23.67
N ALA B 19 -20.54 -7.77 -24.67
CA ALA B 19 -21.72 -6.96 -24.44
C ALA B 19 -22.96 -7.80 -24.16
N SER B 20 -22.92 -9.09 -24.43
CA SER B 20 -24.03 -9.97 -24.10
C SER B 20 -23.90 -10.42 -22.65
N ARG B 21 -25.04 -10.48 -21.97
CA ARG B 21 -25.05 -10.93 -20.58
C ARG B 21 -25.18 -12.44 -20.46
N GLN B 22 -24.80 -13.18 -21.50
CA GLN B 22 -24.56 -14.60 -21.42
C GLN B 22 -23.07 -14.93 -21.30
N ALA B 23 -22.21 -13.92 -21.23
CA ALA B 23 -20.77 -14.17 -21.18
C ALA B 23 -20.36 -14.81 -19.87
N ARG B 24 -20.97 -14.39 -18.76
CA ARG B 24 -20.50 -14.93 -17.50
C ARG B 24 -21.09 -16.33 -17.24
N GLU B 25 -22.24 -16.63 -17.84
CA GLU B 25 -22.68 -18.02 -17.90
C GLU B 25 -21.73 -18.87 -18.74
N ALA B 26 -21.18 -18.29 -19.83
CA ALA B 26 -20.18 -19.00 -20.61
C ALA B 26 -18.90 -19.21 -19.81
N TYR B 27 -18.48 -18.20 -19.04
CA TYR B 27 -17.31 -18.36 -18.19
C TYR B 27 -17.50 -19.51 -17.20
N ARG B 28 -18.71 -19.65 -16.65
CA ARG B 28 -18.97 -20.73 -15.70
C ARG B 28 -18.72 -22.10 -16.32
N TRP B 29 -19.18 -22.30 -17.56
CA TRP B 29 -18.93 -23.58 -18.24
C TRP B 29 -17.45 -23.83 -18.42
N MET B 30 -16.74 -22.82 -18.94
CA MET B 30 -15.30 -22.78 -19.02
C MET B 30 -14.61 -23.26 -17.75
N ARG B 31 -14.89 -22.61 -16.62
CA ARG B 31 -14.16 -22.93 -15.40
C ARG B 31 -14.45 -24.35 -14.94
N ALA B 32 -15.67 -24.83 -15.17
CA ALA B 32 -16.06 -26.16 -14.71
C ALA B 32 -15.64 -27.26 -15.68
N ASN B 33 -15.65 -27.00 -16.98
CA ASN B 33 -15.47 -28.06 -17.97
C ASN B 33 -14.20 -27.97 -18.79
N GLN B 34 -13.68 -26.77 -19.08
CA GLN B 34 -12.44 -26.63 -19.85
C GLN B 34 -11.71 -25.38 -19.37
N PRO B 35 -11.00 -25.47 -18.22
CA PRO B 35 -10.41 -24.26 -17.61
C PRO B 35 -9.55 -23.45 -18.55
N VAL B 36 -8.78 -24.10 -19.41
CA VAL B 36 -8.14 -23.43 -20.54
C VAL B 36 -8.98 -23.76 -21.77
N PHE B 37 -9.85 -22.82 -22.13
CA PHE B 37 -10.90 -22.96 -23.12
C PHE B 37 -10.38 -22.63 -24.51
N ARG B 38 -10.98 -23.25 -25.52
CA ARG B 38 -10.76 -22.85 -26.91
C ARG B 38 -12.11 -22.51 -27.53
N ASP B 39 -12.21 -21.33 -28.15
CA ASP B 39 -13.47 -20.86 -28.70
C ASP B 39 -13.68 -21.44 -30.09
N ARG B 40 -14.74 -21.00 -30.78
CA ARG B 40 -15.08 -21.54 -32.09
C ARG B 40 -13.89 -21.52 -33.05
N ASN B 41 -13.00 -20.55 -32.91
CA ASN B 41 -11.88 -20.40 -33.82
C ASN B 41 -10.60 -21.00 -33.26
N GLY B 42 -10.67 -21.73 -32.15
CA GLY B 42 -9.49 -22.33 -31.57
C GLY B 42 -8.63 -21.40 -30.73
N LEU B 43 -9.11 -20.21 -30.39
CA LEU B 43 -8.33 -19.30 -29.56
C LEU B 43 -8.35 -19.78 -28.12
N ALA B 44 -7.16 -19.97 -27.54
CA ALA B 44 -7.03 -20.42 -26.16
C ALA B 44 -7.32 -19.28 -25.19
N ALA B 45 -7.90 -19.61 -24.04
CA ALA B 45 -8.22 -18.59 -23.03
C ALA B 45 -8.17 -19.22 -21.64
N ALA B 46 -7.49 -18.54 -20.71
CA ALA B 46 -7.44 -18.98 -19.31
C ALA B 46 -8.65 -18.42 -18.57
N SER B 47 -9.50 -19.29 -18.05
CA SER B 47 -10.76 -18.87 -17.46
C SER B 47 -10.76 -18.90 -15.94
N THR B 48 -9.87 -19.66 -15.31
CA THR B 48 -9.85 -19.77 -13.86
C THR B 48 -8.78 -18.85 -13.27
N TYR B 49 -9.02 -18.48 -12.00
CA TYR B 49 -8.03 -17.66 -11.29
C TYR B 49 -6.67 -18.34 -11.29
N GLN B 50 -6.63 -19.64 -11.02
CA GLN B 50 -5.33 -20.32 -10.93
C GLN B 50 -4.61 -20.34 -12.29
N ALA B 51 -5.35 -20.56 -13.38
CA ALA B 51 -4.69 -20.59 -14.67
C ALA B 51 -4.17 -19.21 -15.07
N VAL B 52 -4.89 -18.15 -14.71
CA VAL B 52 -4.43 -16.80 -15.02
C VAL B 52 -3.14 -16.50 -14.24
N ILE B 53 -3.13 -16.75 -12.92
CA ILE B 53 -1.92 -16.37 -12.19
C ILE B 53 -0.76 -17.33 -12.47
N ASP B 54 -1.03 -18.58 -12.87
CA ASP B 54 0.06 -19.46 -13.26
C ASP B 54 0.72 -18.94 -14.54
N ALA B 55 -0.08 -18.42 -15.47
CA ALA B 55 0.51 -17.83 -16.67
C ALA B 55 1.20 -16.51 -16.35
N GLU B 56 0.60 -15.69 -15.50
CA GLU B 56 1.20 -14.40 -15.16
C GLU B 56 2.56 -14.58 -14.51
N ARG B 57 2.71 -15.63 -13.69
CA ARG B 57 3.95 -15.85 -12.95
C ARG B 57 5.02 -16.55 -13.77
N GLN B 58 4.74 -16.90 -15.02
CA GLN B 58 5.70 -17.53 -15.91
C GLN B 58 5.85 -16.68 -17.16
N PRO B 59 6.40 -15.46 -17.03
CA PRO B 59 6.50 -14.55 -18.18
C PRO B 59 7.49 -15.00 -19.23
N GLU B 60 8.47 -15.84 -18.89
CA GLU B 60 9.39 -16.36 -19.91
C GLU B 60 8.68 -17.33 -20.84
N LEU B 61 7.65 -18.02 -20.35
CA LEU B 61 6.82 -18.92 -21.15
C LEU B 61 5.64 -18.19 -21.77
N PHE B 62 5.00 -17.30 -21.02
CA PHE B 62 3.84 -16.53 -21.48
C PHE B 62 4.27 -15.07 -21.64
N SER B 63 4.70 -14.73 -22.87
CA SER B 63 5.38 -13.48 -23.18
C SER B 63 4.39 -12.37 -23.53
N ASN B 64 4.77 -11.13 -23.21
CA ASN B 64 4.05 -9.95 -23.68
C ASN B 64 4.62 -9.39 -24.98
N ALA B 65 5.76 -9.90 -25.45
CA ALA B 65 6.47 -9.29 -26.57
C ALA B 65 5.84 -9.58 -27.93
N GLY B 66 4.87 -10.47 -28.00
CA GLY B 66 4.09 -10.60 -29.21
C GLY B 66 2.89 -9.68 -29.29
N GLY B 67 2.71 -8.80 -28.31
CA GLY B 67 1.53 -7.95 -28.22
C GLY B 67 0.45 -8.56 -27.34
N ILE B 68 -0.31 -7.68 -26.69
CA ILE B 68 -1.36 -8.12 -25.77
C ILE B 68 -2.73 -8.23 -26.42
N ARG B 69 -2.82 -8.02 -27.74
CA ARG B 69 -4.10 -8.23 -28.41
C ARG B 69 -4.03 -9.50 -29.27
N PRO B 70 -5.16 -10.19 -29.47
CA PRO B 70 -5.10 -11.51 -30.13
C PRO B 70 -4.69 -11.46 -31.59
N ASP B 71 -4.98 -10.38 -32.31
CA ASP B 71 -4.75 -10.34 -33.75
C ASP B 71 -4.01 -9.07 -34.16
N GLN B 72 -3.02 -8.67 -33.38
CA GLN B 72 -2.24 -7.47 -33.67
C GLN B 72 -0.81 -7.68 -33.24
N ASP B 73 0.11 -7.04 -34.00
CA ASP B 73 1.52 -7.05 -33.65
C ASP B 73 1.77 -6.17 -32.42
N ALA B 74 2.93 -6.38 -31.82
CA ALA B 74 3.35 -5.59 -30.67
C ALA B 74 3.67 -4.16 -31.08
N LEU B 75 3.36 -3.24 -30.17
CA LEU B 75 3.68 -1.83 -30.29
C LEU B 75 4.88 -1.49 -29.41
N PRO B 76 5.58 -0.41 -29.68
CA PRO B 76 6.75 -0.06 -28.85
C PRO B 76 6.34 0.62 -27.57
N MET B 77 5.72 -0.18 -26.71
CA MET B 77 5.04 0.26 -25.50
C MET B 77 5.42 -0.69 -24.37
N MET B 78 5.46 -0.14 -23.15
CA MET B 78 5.71 -0.90 -21.92
C MET B 78 4.97 -2.23 -21.91
N ILE B 79 3.68 -2.18 -22.20
CA ILE B 79 2.82 -3.34 -21.98
C ILE B 79 3.13 -4.45 -22.98
N ASP B 80 3.78 -4.14 -24.10
CA ASP B 80 4.17 -5.13 -25.10
C ASP B 80 5.64 -5.52 -24.99
N MET B 81 6.20 -5.49 -23.78
CA MET B 81 7.61 -5.80 -23.57
C MET B 81 7.77 -6.83 -22.46
N ASP B 82 8.83 -7.61 -22.56
CA ASP B 82 9.29 -8.51 -21.50
C ASP B 82 10.48 -7.89 -20.78
N ASP B 83 10.77 -8.41 -19.59
CA ASP B 83 11.97 -7.99 -18.87
C ASP B 83 13.20 -8.57 -19.57
N PRO B 84 14.34 -7.87 -19.50
CA PRO B 84 14.67 -6.68 -18.72
C PRO B 84 14.18 -5.36 -19.33
N ALA B 85 13.88 -5.36 -20.62
CA ALA B 85 13.48 -4.11 -21.28
C ALA B 85 12.22 -3.52 -20.65
N HIS B 86 11.23 -4.37 -20.35
CA HIS B 86 10.03 -3.89 -19.68
C HIS B 86 10.35 -3.23 -18.35
N LEU B 87 11.25 -3.84 -17.57
CA LEU B 87 11.55 -3.30 -16.24
C LEU B 87 12.12 -1.90 -16.32
N LEU B 88 13.03 -1.67 -17.26
CA LEU B 88 13.61 -0.34 -17.43
C LEU B 88 12.55 0.67 -17.83
N ARG B 89 11.70 0.32 -18.80
CA ARG B 89 10.65 1.22 -19.26
C ARG B 89 9.68 1.55 -18.14
N ARG B 90 9.24 0.52 -17.41
CA ARG B 90 8.33 0.70 -16.29
C ARG B 90 8.96 1.61 -15.22
N LYS B 91 10.22 1.38 -14.88
CA LYS B 91 10.87 2.22 -13.88
C LYS B 91 10.94 3.67 -14.33
N LEU B 92 11.19 3.90 -15.62
CA LEU B 92 11.28 5.27 -16.11
C LEU B 92 9.93 5.98 -16.01
N VAL B 93 8.86 5.30 -16.43
CA VAL B 93 7.55 5.93 -16.43
C VAL B 93 7.01 6.03 -15.00
N ASN B 94 7.40 5.09 -14.13
CA ASN B 94 6.93 5.08 -12.74
C ASN B 94 7.14 6.42 -12.03
N ALA B 95 8.15 7.20 -12.46
CA ALA B 95 8.41 8.49 -11.86
C ALA B 95 7.19 9.39 -11.86
N GLY B 96 6.33 9.27 -12.87
CA GLY B 96 5.12 10.06 -12.90
C GLY B 96 4.03 9.56 -11.98
N PHE B 97 4.23 8.37 -11.40
CA PHE B 97 3.19 7.71 -10.64
C PHE B 97 3.73 7.18 -9.31
N THR B 98 4.67 7.92 -8.73
CA THR B 98 5.05 7.66 -7.35
C THR B 98 3.85 7.82 -6.44
N ARG B 99 3.91 7.16 -5.28
CA ARG B 99 2.80 7.29 -4.33
C ARG B 99 2.58 8.74 -3.91
N LYS B 100 3.66 9.51 -3.77
CA LYS B 100 3.56 10.93 -3.44
C LYS B 100 2.83 11.71 -4.53
N ARG B 101 3.24 11.53 -5.79
CA ARG B 101 2.62 12.29 -6.88
C ARG B 101 1.14 11.97 -7.02
N VAL B 102 0.77 10.70 -6.88
CA VAL B 102 -0.64 10.34 -6.99
C VAL B 102 -1.45 10.91 -5.83
N LYS B 103 -0.96 10.76 -4.59
CA LYS B 103 -1.68 11.30 -3.45
C LYS B 103 -1.80 12.81 -3.53
N ASP B 104 -0.79 13.47 -4.11
CA ASP B 104 -0.84 14.92 -4.24
C ASP B 104 -1.93 15.40 -5.20
N LYS B 105 -2.52 14.52 -5.99
CA LYS B 105 -3.61 14.89 -6.88
C LYS B 105 -4.98 14.88 -6.20
N GLU B 106 -5.05 14.54 -4.91
CA GLU B 106 -6.34 14.36 -4.27
C GLU B 106 -7.18 15.64 -4.34
N ARG B 107 -6.58 16.79 -4.04
CA ARG B 107 -7.35 18.04 -4.03
C ARG B 107 -7.92 18.34 -5.41
N SER B 108 -7.11 18.21 -6.46
CA SER B 108 -7.59 18.53 -7.81
C SER B 108 -8.62 17.52 -8.29
N ILE B 109 -8.42 16.24 -8.02
CA ILE B 109 -9.43 15.26 -8.41
C ILE B 109 -10.73 15.50 -7.65
N ALA B 110 -10.64 15.78 -6.34
CA ALA B 110 -11.84 16.05 -5.56
C ALA B 110 -12.60 17.25 -6.10
N GLN B 111 -11.88 18.29 -6.54
CA GLN B 111 -12.52 19.47 -7.13
C GLN B 111 -13.24 19.12 -8.43
N LEU B 112 -12.63 18.28 -9.26
CA LEU B 112 -13.32 17.80 -10.46
C LEU B 112 -14.61 17.08 -10.12
N CYS B 113 -14.57 16.19 -9.11
CA CYS B 113 -15.79 15.49 -8.70
C CYS B 113 -16.85 16.47 -8.24
N ASP B 114 -16.46 17.47 -7.44
CA ASP B 114 -17.41 18.45 -6.95
C ASP B 114 -18.05 19.22 -8.09
N THR B 115 -17.23 19.59 -9.09
CA THR B 115 -17.72 20.34 -10.25
C THR B 115 -18.66 19.49 -11.09
N LEU B 116 -18.30 18.23 -11.33
CA LEU B 116 -19.14 17.34 -12.12
C LEU B 116 -20.49 17.11 -11.45
N ILE B 117 -20.50 16.93 -10.14
CA ILE B 117 -21.77 16.72 -9.45
C ILE B 117 -22.58 18.02 -9.41
N ASP B 118 -21.89 19.15 -9.21
CA ASP B 118 -22.56 20.45 -9.27
C ASP B 118 -23.37 20.62 -10.55
N ALA B 119 -22.90 20.04 -11.65
CA ALA B 119 -23.58 20.23 -12.93
C ALA B 119 -24.85 19.40 -13.08
N VAL B 120 -25.10 18.43 -12.21
CA VAL B 120 -26.30 17.61 -12.31
C VAL B 120 -27.17 17.64 -11.06
N CYS B 121 -26.67 18.14 -9.92
CA CYS B 121 -27.36 17.91 -8.65
C CYS B 121 -28.72 18.60 -8.60
N GLU B 122 -28.89 19.73 -9.28
CA GLU B 122 -30.19 20.39 -9.28
C GLU B 122 -31.20 19.70 -10.17
N ARG B 123 -30.75 18.88 -11.12
CA ARG B 123 -31.66 18.29 -12.10
C ARG B 123 -32.52 17.19 -11.50
N GLY B 124 -32.01 16.46 -10.52
CA GLY B 124 -32.72 15.31 -10.01
C GLY B 124 -32.62 14.07 -10.88
N GLU B 125 -31.82 14.13 -11.95
CA GLU B 125 -31.64 13.02 -12.86
C GLU B 125 -30.38 13.30 -13.66
N CYS B 126 -29.73 12.23 -14.11
CA CYS B 126 -28.63 12.36 -15.06
C CYS B 126 -28.34 10.98 -15.63
N ASP B 127 -27.44 10.94 -16.60
CA ASP B 127 -26.85 9.69 -17.07
C ASP B 127 -25.53 9.54 -16.33
N PHE B 128 -25.44 8.53 -15.46
CA PHE B 128 -24.24 8.37 -14.65
C PHE B 128 -22.98 8.20 -15.50
N VAL B 129 -23.10 7.53 -16.66
CA VAL B 129 -21.93 7.38 -17.52
C VAL B 129 -21.56 8.71 -18.16
N ARG B 130 -22.52 9.29 -18.90
CA ARG B 130 -22.21 10.50 -19.67
C ARG B 130 -21.78 11.65 -18.78
N ASP B 131 -22.40 11.80 -17.62
CA ASP B 131 -22.28 13.03 -16.85
C ASP B 131 -21.32 12.93 -15.68
N LEU B 132 -20.95 11.74 -15.23
CA LEU B 132 -20.06 11.59 -14.08
C LEU B 132 -18.91 10.64 -14.35
N ALA B 133 -19.21 9.39 -14.73
CA ALA B 133 -18.17 8.37 -14.85
C ALA B 133 -17.23 8.64 -16.02
N ALA B 134 -17.74 9.13 -17.15
CA ALA B 134 -16.88 9.34 -18.31
C ALA B 134 -16.05 10.62 -18.21
N PRO B 135 -16.58 11.77 -17.77
CA PRO B 135 -15.75 12.99 -17.78
C PRO B 135 -14.59 12.93 -16.80
N LEU B 136 -14.75 12.29 -15.64
CA LEU B 136 -13.71 12.37 -14.61
C LEU B 136 -12.38 11.78 -15.07
N PRO B 137 -12.29 10.53 -15.54
CA PRO B 137 -10.98 9.99 -15.90
C PRO B 137 -10.30 10.75 -17.01
N MET B 138 -11.08 11.25 -17.97
CA MET B 138 -10.52 12.06 -19.03
C MET B 138 -9.94 13.36 -18.51
N ALA B 139 -10.65 14.04 -17.62
CA ALA B 139 -10.15 15.30 -17.09
C ALA B 139 -8.90 15.08 -16.24
N VAL B 140 -8.85 13.96 -15.50
CA VAL B 140 -7.71 13.70 -14.64
C VAL B 140 -6.44 13.47 -15.47
N ILE B 141 -6.53 12.60 -16.48
CA ILE B 141 -5.35 12.36 -17.32
C ILE B 141 -5.05 13.60 -18.15
N GLY B 142 -6.09 14.25 -18.70
CA GLY B 142 -5.86 15.47 -19.45
C GLY B 142 -5.13 16.52 -18.62
N ASP B 143 -5.54 16.72 -17.37
CA ASP B 143 -4.84 17.65 -16.50
C ASP B 143 -3.36 17.30 -16.42
N MET B 144 -3.05 16.01 -16.30
CA MET B 144 -1.67 15.58 -16.17
C MET B 144 -0.87 15.91 -17.41
N LEU B 145 -1.52 15.85 -18.56
CA LEU B 145 -0.86 16.10 -19.85
C LEU B 145 -0.96 17.56 -20.28
N GLY B 146 -1.48 18.45 -19.43
CA GLY B 146 -1.57 19.84 -19.80
C GLY B 146 -2.72 20.20 -20.71
N VAL B 147 -3.76 19.37 -20.77
CA VAL B 147 -5.00 19.71 -21.47
C VAL B 147 -5.83 20.62 -20.58
N LEU B 148 -6.06 21.85 -21.05
CA LEU B 148 -6.84 22.79 -20.27
C LEU B 148 -8.34 22.51 -20.43
N PRO B 149 -9.16 23.00 -19.50
CA PRO B 149 -10.61 22.74 -19.63
C PRO B 149 -11.18 23.15 -20.97
N GLU B 150 -10.79 24.32 -21.50
CA GLU B 150 -11.27 24.73 -22.81
C GLU B 150 -10.76 23.83 -23.94
N GLN B 151 -9.83 22.92 -23.66
CA GLN B 151 -9.33 21.98 -24.65
C GLN B 151 -9.92 20.59 -24.51
N ARG B 152 -10.73 20.34 -23.48
CA ARG B 152 -11.17 18.98 -23.19
C ARG B 152 -12.08 18.41 -24.26
N GLU B 153 -12.89 19.25 -24.90
CA GLU B 153 -13.77 18.78 -25.97
C GLU B 153 -12.95 18.20 -27.12
N MET B 154 -11.96 18.95 -27.57
CA MET B 154 -11.07 18.48 -28.63
C MET B 154 -10.31 17.24 -28.21
N PHE B 155 -9.82 17.22 -26.97
CA PHE B 155 -9.08 16.06 -26.47
C PHE B 155 -9.96 14.82 -26.38
N LEU B 156 -11.25 15.00 -26.10
CA LEU B 156 -12.17 13.89 -26.01
C LEU B 156 -12.36 13.22 -27.36
N ARG B 157 -12.46 14.02 -28.43
CA ARG B 157 -12.55 13.45 -29.77
C ARG B 157 -11.31 12.63 -30.12
N TRP B 158 -10.12 13.14 -29.80
CA TRP B 158 -8.91 12.37 -30.08
C TRP B 158 -8.93 11.05 -29.35
N SER B 159 -9.19 11.09 -28.04
CA SER B 159 -9.18 9.87 -27.22
C SER B 159 -10.13 8.82 -27.79
N ASP B 160 -11.32 9.24 -28.22
CA ASP B 160 -12.27 8.29 -28.77
C ASP B 160 -11.71 7.64 -30.05
N ASP B 161 -11.24 8.46 -30.98
CA ASP B 161 -10.69 7.93 -32.22
C ASP B 161 -9.38 7.19 -32.00
N LEU B 162 -8.67 7.46 -30.90
CA LEU B 162 -7.42 6.75 -30.66
C LEU B 162 -7.67 5.32 -30.21
N VAL B 163 -8.74 5.09 -29.46
CA VAL B 163 -9.10 3.72 -29.12
C VAL B 163 -9.40 2.93 -30.39
N THR B 164 -10.07 3.56 -31.36
CA THR B 164 -10.36 2.90 -32.63
C THR B 164 -9.07 2.63 -33.40
N PHE B 165 -8.18 3.62 -33.47
CA PHE B 165 -6.90 3.48 -34.16
C PHE B 165 -6.15 2.24 -33.68
N LEU B 166 -6.27 1.90 -32.41
CA LEU B 166 -5.56 0.76 -31.85
C LEU B 166 -6.42 -0.49 -31.83
N SER B 167 -7.66 -0.40 -32.28
CA SER B 167 -8.60 -1.52 -32.16
C SER B 167 -8.25 -2.62 -33.16
N SER B 168 -8.99 -3.73 -33.04
CA SER B 168 -8.73 -4.91 -33.86
C SER B 168 -8.87 -4.61 -35.35
N HIS B 169 -9.78 -3.70 -35.71
CA HIS B 169 -10.07 -3.45 -37.11
C HIS B 169 -10.45 -1.99 -37.28
N VAL B 170 -9.77 -1.30 -38.18
CA VAL B 170 -10.10 0.06 -38.56
C VAL B 170 -10.75 0.01 -39.93
N SER B 171 -12.03 0.37 -40.00
CA SER B 171 -12.76 0.32 -41.25
C SER B 171 -12.23 1.37 -42.22
N GLN B 172 -12.59 1.18 -43.50
CA GLN B 172 -12.14 2.12 -44.52
C GLN B 172 -12.65 3.53 -44.23
N GLU B 173 -13.89 3.63 -43.73
CA GLU B 173 -14.46 4.94 -43.42
C GLU B 173 -13.78 5.60 -42.23
N ASP B 174 -13.10 4.83 -41.39
CA ASP B 174 -12.49 5.34 -40.17
C ASP B 174 -10.98 5.50 -40.27
N PHE B 175 -10.35 5.08 -41.38
CA PHE B 175 -8.90 5.13 -41.44
C PHE B 175 -8.38 6.56 -41.27
N GLN B 176 -9.01 7.52 -41.95
CA GLN B 176 -8.49 8.88 -41.95
C GLN B 176 -8.59 9.52 -40.57
N VAL B 177 -9.77 9.49 -39.95
CA VAL B 177 -9.93 10.16 -38.66
C VAL B 177 -9.02 9.54 -37.60
N THR B 178 -8.79 8.24 -37.67
CA THR B 178 -7.94 7.60 -36.67
C THR B 178 -6.46 7.93 -36.88
N ILE B 179 -5.98 7.92 -38.12
CA ILE B 179 -4.59 8.31 -38.30
C ILE B 179 -4.41 9.80 -38.07
N ASP B 180 -5.47 10.59 -38.34
CA ASP B 180 -5.44 12.02 -38.02
C ASP B 180 -5.41 12.24 -36.51
N ALA B 181 -6.12 11.40 -35.75
CA ALA B 181 -6.07 11.52 -34.29
C ALA B 181 -4.68 11.20 -33.75
N PHE B 182 -4.05 10.14 -34.28
CA PHE B 182 -2.69 9.86 -33.82
C PHE B 182 -1.76 11.04 -34.12
N ALA B 183 -1.84 11.59 -35.34
CA ALA B 183 -0.98 12.71 -35.69
C ALA B 183 -1.23 13.91 -34.78
N ALA B 184 -2.50 14.20 -34.52
CA ALA B 184 -2.84 15.33 -33.64
C ALA B 184 -2.33 15.09 -32.23
N TYR B 185 -2.53 13.88 -31.69
CA TYR B 185 -2.01 13.58 -30.37
C TYR B 185 -0.48 13.65 -30.36
N ASN B 186 0.15 13.10 -31.40
CA ASN B 186 1.60 13.14 -31.51
C ASN B 186 2.11 14.58 -31.52
N ASP B 187 1.51 15.43 -32.36
CA ASP B 187 1.98 16.81 -32.46
C ASP B 187 1.76 17.57 -31.16
N PHE B 188 0.58 17.39 -30.53
CA PHE B 188 0.30 18.02 -29.26
C PHE B 188 1.34 17.62 -28.20
N THR B 189 1.61 16.32 -28.11
CA THR B 189 2.52 15.83 -27.08
C THR B 189 3.95 16.28 -27.33
N ARG B 190 4.38 16.28 -28.60
CA ARG B 190 5.74 16.73 -28.90
C ARG B 190 5.90 18.22 -28.64
N ALA B 191 4.83 18.99 -28.82
CA ALA B 191 4.86 20.39 -28.42
C ALA B 191 5.01 20.53 -26.91
N THR B 192 4.32 19.69 -26.13
CA THR B 192 4.49 19.72 -24.68
C THR B 192 5.91 19.33 -24.28
N ILE B 193 6.45 18.30 -24.94
CA ILE B 193 7.80 17.82 -24.63
C ILE B 193 8.82 18.94 -24.86
N ALA B 194 8.72 19.62 -26.02
CA ALA B 194 9.64 20.72 -26.30
C ALA B 194 9.51 21.82 -25.25
N ALA B 195 8.28 22.18 -24.88
CA ALA B 195 8.08 23.22 -23.88
C ALA B 195 8.74 22.83 -22.55
N ARG B 196 8.50 21.60 -22.09
CA ARG B 196 8.97 21.20 -20.77
C ARG B 196 10.46 20.93 -20.74
N ARG B 197 11.04 20.45 -21.85
CA ARG B 197 12.48 20.30 -21.92
C ARG B 197 13.18 21.66 -21.78
N ALA B 198 12.52 22.73 -22.22
CA ALA B 198 13.07 24.07 -22.10
C ALA B 198 12.77 24.68 -20.73
N GLU B 199 11.51 24.60 -20.28
CA GLU B 199 11.08 25.18 -19.02
C GLU B 199 10.22 24.18 -18.29
N PRO B 200 10.81 23.34 -17.44
CA PRO B 200 10.03 22.30 -16.76
C PRO B 200 9.02 22.89 -15.80
N THR B 201 7.91 22.17 -15.64
CA THR B 201 6.94 22.49 -14.61
C THR B 201 6.79 21.29 -13.71
N ASP B 202 5.63 21.10 -13.09
CA ASP B 202 5.40 19.94 -12.25
C ASP B 202 4.41 18.96 -12.87
N ASP B 203 4.24 19.00 -14.19
CA ASP B 203 3.26 18.12 -14.81
C ASP B 203 3.93 16.82 -15.24
N LEU B 204 3.13 15.91 -15.79
CA LEU B 204 3.63 14.56 -16.05
C LEU B 204 4.78 14.58 -17.05
N VAL B 205 4.64 15.35 -18.13
CA VAL B 205 5.69 15.33 -19.15
C VAL B 205 7.00 15.87 -18.58
N SER B 206 6.92 16.90 -17.74
CA SER B 206 8.11 17.43 -17.09
C SER B 206 8.82 16.35 -16.28
N VAL B 207 8.05 15.63 -15.46
CA VAL B 207 8.64 14.57 -14.64
C VAL B 207 9.22 13.47 -15.53
N LEU B 208 8.51 13.11 -16.59
CA LEU B 208 8.99 12.02 -17.44
C LEU B 208 10.22 12.41 -18.25
N VAL B 209 10.32 13.67 -18.67
CA VAL B 209 11.49 14.14 -19.38
C VAL B 209 12.74 13.99 -18.52
N SER B 210 12.62 14.26 -17.23
CA SER B 210 13.77 14.22 -16.34
C SER B 210 13.99 12.86 -15.68
N SER B 211 13.10 11.89 -15.91
CA SER B 211 13.26 10.58 -15.28
C SER B 211 14.49 9.86 -15.82
N GLU B 212 15.33 9.36 -14.92
CA GLU B 212 16.56 8.68 -15.31
C GLU B 212 16.74 7.41 -14.48
N VAL B 213 17.00 6.30 -15.17
CA VAL B 213 17.21 4.99 -14.55
C VAL B 213 18.40 4.34 -15.21
N ASP B 214 19.44 4.05 -14.43
CA ASP B 214 20.65 3.37 -14.95
C ASP B 214 21.30 4.16 -16.08
N GLY B 215 21.32 5.48 -15.96
CA GLY B 215 21.80 6.33 -17.02
C GLY B 215 20.90 6.43 -18.24
N GLU B 216 19.85 5.63 -18.30
CA GLU B 216 18.88 5.66 -19.38
C GLU B 216 17.87 6.78 -19.16
N ARG B 217 17.43 7.41 -20.24
CA ARG B 217 16.30 8.32 -20.18
C ARG B 217 15.32 7.99 -21.30
N LEU B 218 14.16 8.61 -21.25
CA LEU B 218 13.12 8.39 -22.24
C LEU B 218 13.34 9.29 -23.44
N SER B 219 13.28 8.73 -24.63
CA SER B 219 13.34 9.52 -25.84
C SER B 219 11.98 10.14 -26.15
N ASP B 220 11.98 11.12 -27.05
CA ASP B 220 10.73 11.75 -27.49
C ASP B 220 9.75 10.70 -28.03
N ASP B 221 10.24 9.77 -28.86
CA ASP B 221 9.37 8.71 -29.38
C ASP B 221 8.71 7.94 -28.25
N GLU B 222 9.52 7.53 -27.27
CA GLU B 222 9.02 6.74 -26.15
C GLU B 222 8.02 7.53 -25.32
N LEU B 223 8.27 8.83 -25.15
CA LEU B 223 7.36 9.68 -24.38
C LEU B 223 5.98 9.73 -25.03
N VAL B 224 5.93 9.85 -26.36
CA VAL B 224 4.64 9.86 -27.04
C VAL B 224 3.92 8.52 -26.86
N MET B 225 4.66 7.42 -27.01
CA MET B 225 4.06 6.10 -26.89
C MET B 225 3.57 5.84 -25.47
N GLU B 226 4.40 6.16 -24.47
CA GLU B 226 4.01 5.82 -23.10
C GLU B 226 2.90 6.73 -22.59
N THR B 227 2.89 8.01 -22.99
CA THR B 227 1.76 8.83 -22.57
C THR B 227 0.49 8.42 -23.30
N LEU B 228 0.60 7.94 -24.54
CA LEU B 228 -0.57 7.39 -25.21
C LEU B 228 -1.12 6.17 -24.48
N LEU B 229 -0.23 5.27 -24.02
CA LEU B 229 -0.68 4.12 -23.26
C LEU B 229 -1.36 4.55 -21.96
N ILE B 230 -0.84 5.60 -21.31
CA ILE B 230 -1.47 6.11 -20.10
C ILE B 230 -2.86 6.65 -20.40
N LEU B 231 -2.98 7.42 -21.48
CA LEU B 231 -4.28 7.99 -21.83
C LEU B 231 -5.30 6.89 -22.12
N ILE B 232 -4.97 5.96 -23.02
CA ILE B 232 -5.97 4.96 -23.36
C ILE B 232 -6.14 3.94 -22.23
N GLY B 233 -5.05 3.59 -21.56
CA GLY B 233 -5.14 2.59 -20.51
C GLY B 233 -5.90 3.06 -19.29
N GLY B 234 -5.96 4.36 -19.07
CA GLY B 234 -6.50 4.88 -17.83
C GLY B 234 -7.82 5.61 -17.93
N ASP B 235 -8.32 5.76 -19.16
CA ASP B 235 -9.56 6.51 -19.38
C ASP B 235 -10.80 5.62 -19.29
N GLU B 236 -11.10 4.87 -20.36
CA GLU B 236 -12.32 4.07 -20.40
C GLU B 236 -12.37 3.04 -19.27
N THR B 237 -11.24 2.49 -18.89
CA THR B 237 -11.20 1.51 -17.81
C THR B 237 -11.76 2.09 -16.53
N THR B 238 -11.21 3.23 -16.10
CA THR B 238 -11.67 3.86 -14.88
C THR B 238 -13.15 4.22 -14.96
N ARG B 239 -13.57 4.74 -16.12
CA ARG B 239 -14.98 5.05 -16.35
C ARG B 239 -15.88 3.86 -16.07
N HIS B 240 -15.49 2.68 -16.56
CA HIS B 240 -16.34 1.51 -16.48
C HIS B 240 -16.43 0.96 -15.06
N THR B 241 -15.35 1.03 -14.28
CA THR B 241 -15.47 0.62 -12.88
C THR B 241 -16.34 1.60 -12.10
N LEU B 242 -16.16 2.90 -12.35
CA LEU B 242 -16.99 3.90 -11.67
C LEU B 242 -18.47 3.68 -11.94
N SER B 243 -18.85 3.50 -13.22
CA SER B 243 -20.26 3.35 -13.56
C SER B 243 -20.78 1.98 -13.14
N GLY B 244 -20.11 0.90 -13.54
CA GLY B 244 -20.61 -0.42 -13.23
C GLY B 244 -20.53 -0.76 -11.76
N GLY B 245 -19.54 -0.21 -11.05
CA GLY B 245 -19.47 -0.39 -9.62
C GLY B 245 -20.60 0.33 -8.91
N SER B 246 -20.87 1.56 -9.33
CA SER B 246 -21.99 2.30 -8.76
C SER B 246 -23.32 1.64 -9.09
N GLU B 247 -23.43 1.06 -10.30
CA GLU B 247 -24.65 0.32 -10.66
C GLU B 247 -24.93 -0.80 -9.66
N GLN B 248 -23.88 -1.50 -9.21
CA GLN B 248 -24.08 -2.58 -8.26
C GLN B 248 -24.47 -2.06 -6.88
N LEU B 249 -23.91 -0.91 -6.48
CA LEU B 249 -24.35 -0.27 -5.25
C LEU B 249 -25.84 0.08 -5.32
N LEU B 250 -26.32 0.50 -6.49
CA LEU B 250 -27.72 0.92 -6.62
C LEU B 250 -28.66 -0.27 -6.76
N ARG B 251 -28.21 -1.37 -7.36
CA ARG B 251 -29.05 -2.56 -7.49
C ARG B 251 -29.16 -3.33 -6.19
N ASN B 252 -28.21 -3.15 -5.27
CA ASN B 252 -28.17 -3.87 -4.00
C ASN B 252 -28.22 -2.83 -2.89
N ARG B 253 -29.44 -2.37 -2.58
CA ARG B 253 -29.59 -1.24 -1.66
C ARG B 253 -28.99 -1.53 -0.29
N ASP B 254 -28.89 -2.81 0.09
CA ASP B 254 -28.24 -3.13 1.36
CA ASP B 254 -28.24 -3.14 1.35
C ASP B 254 -26.79 -2.68 1.36
N GLN B 255 -26.11 -2.78 0.20
CA GLN B 255 -24.73 -2.33 0.12
C GLN B 255 -24.64 -0.81 0.10
N TRP B 256 -25.57 -0.18 -0.62
CA TRP B 256 -25.66 1.28 -0.59
C TRP B 256 -25.87 1.78 0.82
N ASP B 257 -26.80 1.16 1.55
CA ASP B 257 -27.10 1.60 2.92
C ASP B 257 -25.90 1.38 3.83
N LEU B 258 -25.22 0.24 3.68
CA LEU B 258 -24.04 -0.04 4.50
C LEU B 258 -22.98 1.03 4.33
N LEU B 259 -22.64 1.35 3.06
CA LEU B 259 -21.60 2.36 2.81
C LEU B 259 -22.00 3.72 3.35
N GLN B 260 -23.25 4.11 3.14
CA GLN B 260 -23.66 5.43 3.55
C GLN B 260 -23.77 5.55 5.08
N SER B 261 -23.89 4.41 5.78
CA SER B 261 -23.89 4.38 7.23
C SER B 261 -22.49 4.35 7.83
N ASP B 262 -21.50 3.86 7.10
CA ASP B 262 -20.12 3.74 7.60
C ASP B 262 -19.18 4.04 6.44
N ARG B 263 -18.55 5.21 6.47
CA ARG B 263 -17.65 5.60 5.38
C ARG B 263 -16.33 4.86 5.41
N GLU B 264 -15.98 4.20 6.52
CA GLU B 264 -14.75 3.40 6.53
C GLU B 264 -14.91 2.13 5.71
N LEU B 265 -16.11 1.83 5.22
CA LEU B 265 -16.29 0.73 4.27
C LEU B 265 -15.95 1.14 2.84
N LEU B 266 -15.58 2.39 2.61
CA LEU B 266 -15.31 2.83 1.24
C LEU B 266 -14.18 2.06 0.56
N PRO B 267 -13.02 1.80 1.20
CA PRO B 267 -11.96 1.09 0.47
C PRO B 267 -12.38 -0.29 0.00
N GLY B 268 -13.06 -1.08 0.84
CA GLY B 268 -13.51 -2.38 0.37
C GLY B 268 -14.59 -2.28 -0.68
N ALA B 269 -15.40 -1.21 -0.64
CA ALA B 269 -16.37 -0.98 -1.69
C ALA B 269 -15.68 -0.77 -3.03
N ILE B 270 -14.61 0.03 -3.04
CA ILE B 270 -13.86 0.25 -4.28
C ILE B 270 -13.30 -1.06 -4.81
N GLU B 271 -12.77 -1.91 -3.92
CA GLU B 271 -12.20 -3.17 -4.38
C GLU B 271 -13.26 -4.08 -4.98
N GLU B 272 -14.46 -4.10 -4.39
CA GLU B 272 -15.53 -4.92 -4.96
C GLU B 272 -16.06 -4.32 -6.26
N MET B 273 -16.03 -3.00 -6.39
CA MET B 273 -16.36 -2.37 -7.68
C MET B 273 -15.39 -2.84 -8.75
N LEU B 274 -14.09 -2.88 -8.43
CA LEU B 274 -13.09 -3.37 -9.38
C LEU B 274 -13.30 -4.85 -9.71
N ARG B 275 -13.48 -5.70 -8.69
CA ARG B 275 -13.65 -7.12 -8.96
C ARG B 275 -14.82 -7.34 -9.91
N TRP B 276 -15.96 -6.71 -9.61
CA TRP B 276 -17.19 -6.96 -10.35
C TRP B 276 -17.09 -6.49 -11.79
N THR B 277 -16.52 -5.30 -12.00
CA THR B 277 -16.63 -4.69 -13.33
C THR B 277 -15.57 -5.20 -14.30
N ALA B 278 -14.39 -5.55 -13.80
CA ALA B 278 -13.26 -6.03 -14.59
C ALA B 278 -13.26 -5.44 -16.00
N PRO B 279 -13.03 -4.13 -16.14
CA PRO B 279 -13.20 -3.50 -17.47
C PRO B 279 -12.27 -4.05 -18.53
N VAL B 280 -11.04 -4.41 -18.18
CA VAL B 280 -10.15 -5.07 -19.12
C VAL B 280 -10.56 -6.53 -19.12
N LYS B 281 -11.22 -6.96 -20.20
CA LYS B 281 -11.77 -8.30 -20.28
C LYS B 281 -10.70 -9.33 -20.60
N ASN B 282 -9.61 -8.95 -21.25
CA ASN B 282 -8.56 -9.89 -21.54
C ASN B 282 -7.26 -9.16 -21.86
N MET B 283 -6.17 -9.88 -21.65
CA MET B 283 -4.80 -9.51 -22.03
C MET B 283 -4.21 -10.78 -22.62
N CYS B 284 -3.54 -10.68 -23.77
CA CYS B 284 -2.97 -11.87 -24.38
C CYS B 284 -1.53 -12.09 -23.94
N ARG B 285 -1.15 -13.36 -23.89
CA ARG B 285 0.24 -13.78 -23.77
C ARG B 285 0.56 -14.69 -24.94
N MET B 286 1.80 -14.64 -25.39
CA MET B 286 2.25 -15.47 -26.50
C MET B 286 3.17 -16.57 -25.96
N LEU B 287 2.84 -17.82 -26.29
CA LEU B 287 3.62 -18.95 -25.84
C LEU B 287 4.98 -18.95 -26.50
N THR B 288 6.04 -19.05 -25.70
CA THR B 288 7.39 -19.13 -26.25
C THR B 288 7.85 -20.57 -26.44
N ALA B 289 7.01 -21.55 -26.11
CA ALA B 289 7.33 -22.97 -26.29
C ALA B 289 6.06 -23.77 -26.13
N ASP B 290 6.11 -25.02 -26.57
CA ASP B 290 5.01 -25.94 -26.35
C ASP B 290 4.85 -26.21 -24.87
N THR B 291 3.60 -26.44 -24.44
CA THR B 291 3.35 -26.72 -23.03
C THR B 291 1.96 -27.31 -22.84
N GLU B 292 1.84 -28.16 -21.81
CA GLU B 292 0.56 -28.67 -21.33
C GLU B 292 0.13 -27.79 -20.17
N PHE B 293 -0.93 -27.01 -20.37
CA PHE B 293 -1.34 -25.98 -19.41
C PHE B 293 -2.77 -26.24 -18.95
N HIS B 294 -2.91 -26.71 -17.71
CA HIS B 294 -4.22 -26.85 -17.07
C HIS B 294 -5.19 -27.65 -17.94
N GLY B 295 -4.69 -28.76 -18.49
CA GLY B 295 -5.51 -29.68 -19.26
C GLY B 295 -5.52 -29.44 -20.76
N THR B 296 -4.95 -28.34 -21.24
CA THR B 296 -4.96 -28.00 -22.65
C THR B 296 -3.53 -27.88 -23.16
N ALA B 297 -3.26 -28.48 -24.31
CA ALA B 297 -1.94 -28.37 -24.93
C ALA B 297 -1.85 -27.07 -25.71
N LEU B 298 -0.77 -26.33 -25.50
CA LEU B 298 -0.55 -25.04 -26.17
C LEU B 298 0.69 -25.11 -27.03
N SER B 299 0.65 -24.43 -28.17
CA SER B 299 1.72 -24.45 -29.16
C SER B 299 2.53 -23.16 -29.10
N GLU B 300 3.83 -23.28 -29.31
CA GLU B 300 4.71 -22.12 -29.35
C GLU B 300 4.27 -21.14 -30.42
N GLY B 301 4.21 -19.86 -30.06
CA GLY B 301 3.82 -18.81 -30.98
C GLY B 301 2.35 -18.45 -30.97
N GLU B 302 1.48 -19.30 -30.43
CA GLU B 302 0.08 -18.96 -30.35
C GLU B 302 -0.19 -18.12 -29.10
N LYS B 303 -1.29 -17.37 -29.16
CA LYS B 303 -1.65 -16.49 -28.05
C LYS B 303 -2.77 -17.10 -27.22
N ILE B 304 -2.76 -16.79 -25.92
CA ILE B 304 -3.81 -17.20 -25.01
C ILE B 304 -4.35 -15.94 -24.34
N MET B 305 -5.67 -15.89 -24.17
N MET B 305 -5.67 -15.87 -24.22
CA MET B 305 -6.33 -14.74 -23.54
CA MET B 305 -6.30 -14.78 -23.52
C MET B 305 -6.49 -14.98 -22.04
C MET B 305 -6.30 -15.06 -22.03
N LEU B 306 -6.00 -14.04 -21.23
CA LEU B 306 -6.22 -14.09 -19.78
C LEU B 306 -7.57 -13.42 -19.50
N LEU B 307 -8.56 -14.22 -19.10
CA LEU B 307 -9.92 -13.71 -18.96
C LEU B 307 -10.09 -13.21 -17.53
N PHE B 308 -9.83 -11.91 -17.34
CA PHE B 308 -9.81 -11.38 -15.98
C PHE B 308 -11.21 -11.39 -15.35
N GLU B 309 -12.27 -11.14 -16.12
CA GLU B 309 -13.59 -11.16 -15.53
C GLU B 309 -13.97 -12.58 -15.09
N SER B 310 -13.65 -13.56 -15.91
CA SER B 310 -13.90 -14.95 -15.54
C SER B 310 -13.20 -15.29 -14.23
N ALA B 311 -11.91 -14.94 -14.12
CA ALA B 311 -11.16 -15.18 -12.89
C ALA B 311 -11.80 -14.50 -11.69
N ASN B 312 -12.32 -13.28 -11.90
CA ASN B 312 -12.89 -12.53 -10.78
C ASN B 312 -14.20 -13.12 -10.27
N PHE B 313 -14.77 -14.08 -11.00
CA PHE B 313 -15.99 -14.76 -10.55
C PHE B 313 -15.74 -16.24 -10.34
N ASP B 314 -14.48 -16.62 -10.17
CA ASP B 314 -14.11 -18.01 -9.93
C ASP B 314 -14.54 -18.42 -8.53
N GLU B 315 -15.44 -19.40 -8.45
CA GLU B 315 -15.99 -19.85 -7.17
C GLU B 315 -14.92 -20.44 -6.27
N ALA B 316 -13.79 -20.90 -6.83
CA ALA B 316 -12.71 -21.49 -6.06
C ALA B 316 -11.89 -20.46 -5.30
N VAL B 317 -12.07 -19.17 -5.59
CA VAL B 317 -11.28 -18.12 -4.94
C VAL B 317 -12.22 -17.08 -4.32
N PHE B 318 -13.34 -16.80 -4.99
CA PHE B 318 -14.28 -15.76 -4.56
C PHE B 318 -15.58 -16.45 -4.20
N THR B 319 -15.73 -16.75 -2.92
CA THR B 319 -16.92 -17.44 -2.43
C THR B 319 -18.16 -16.61 -2.68
N ASP B 320 -19.21 -17.24 -3.23
CA ASP B 320 -20.44 -16.55 -3.60
C ASP B 320 -20.10 -15.40 -4.54
N PRO B 321 -19.51 -15.69 -5.71
CA PRO B 321 -18.97 -14.60 -6.55
C PRO B 321 -20.02 -13.70 -7.15
N GLU B 322 -21.28 -14.15 -7.29
CA GLU B 322 -22.30 -13.28 -7.85
C GLU B 322 -23.00 -12.43 -6.80
N LYS B 323 -22.49 -12.42 -5.57
CA LYS B 323 -22.92 -11.44 -4.59
C LYS B 323 -21.98 -10.25 -4.64
N PHE B 324 -22.54 -9.05 -4.82
CA PHE B 324 -21.79 -7.81 -4.69
C PHE B 324 -21.71 -7.46 -3.21
N ASP B 325 -20.52 -7.62 -2.64
CA ASP B 325 -20.30 -7.52 -1.20
C ASP B 325 -19.17 -6.52 -0.94
N ILE B 326 -19.52 -5.30 -0.51
CA ILE B 326 -18.47 -4.29 -0.28
C ILE B 326 -17.59 -4.66 0.91
N GLN B 327 -18.03 -5.61 1.74
CA GLN B 327 -17.18 -6.07 2.87
C GLN B 327 -16.42 -7.34 2.50
N ARG B 328 -16.40 -7.68 1.21
CA ARG B 328 -15.65 -8.86 0.76
C ARG B 328 -14.20 -8.76 1.20
N ASN B 329 -13.72 -9.77 1.91
CA ASN B 329 -12.35 -9.69 2.44
C ASN B 329 -11.91 -11.09 2.86
N PRO B 330 -10.75 -11.63 2.39
CA PRO B 330 -10.02 -11.17 1.20
C PRO B 330 -10.72 -10.87 -0.14
N ASN B 331 -10.06 -10.04 -0.94
CA ASN B 331 -10.64 -9.69 -2.24
C ASN B 331 -9.48 -9.42 -3.21
N SER B 332 -8.71 -10.46 -3.49
CA SER B 332 -7.52 -10.34 -4.35
C SER B 332 -7.90 -10.54 -5.81
N HIS B 333 -8.73 -9.63 -6.29
CA HIS B 333 -9.24 -9.67 -7.65
C HIS B 333 -8.13 -9.34 -8.66
N LEU B 334 -8.42 -9.62 -9.93
CA LEU B 334 -7.47 -9.46 -11.02
C LEU B 334 -7.87 -8.36 -11.99
N ALA B 335 -8.70 -7.40 -11.54
CA ALA B 335 -9.07 -6.27 -12.40
C ALA B 335 -7.85 -5.53 -12.93
N PHE B 336 -6.81 -5.39 -12.11
CA PHE B 336 -5.58 -4.73 -12.51
C PHE B 336 -4.53 -5.73 -12.99
N GLY B 337 -4.93 -6.97 -13.23
CA GLY B 337 -3.96 -7.97 -13.59
C GLY B 337 -3.17 -8.46 -12.39
N PHE B 338 -1.92 -8.81 -12.63
CA PHE B 338 -1.13 -9.63 -11.72
C PHE B 338 0.29 -9.71 -12.24
N GLY B 339 1.26 -9.70 -11.34
CA GLY B 339 2.64 -9.92 -11.76
C GLY B 339 3.33 -8.66 -12.25
N THR B 340 4.30 -8.85 -13.15
CA THR B 340 5.19 -7.76 -13.52
C THR B 340 4.48 -6.66 -14.30
N HIS B 341 3.36 -6.97 -14.96
CA HIS B 341 2.62 -5.95 -15.71
C HIS B 341 1.44 -5.38 -14.94
N PHE B 342 1.30 -5.72 -13.65
CA PHE B 342 0.23 -5.17 -12.82
C PHE B 342 0.08 -3.68 -13.05
N CYS B 343 -1.17 -3.27 -13.28
CA CYS B 343 -1.50 -1.90 -13.68
C CYS B 343 -0.67 -0.82 -12.97
N MET B 344 0.06 -0.03 -13.76
CA MET B 344 0.87 1.03 -13.14
C MET B 344 -0.01 2.16 -12.64
N GLY B 345 -1.23 2.29 -13.16
CA GLY B 345 -2.13 3.32 -12.72
C GLY B 345 -3.03 2.92 -11.56
N ASN B 346 -2.77 1.79 -10.90
CA ASN B 346 -3.75 1.23 -9.97
C ASN B 346 -4.07 2.21 -8.83
N GLN B 347 -3.05 2.92 -8.33
CA GLN B 347 -3.30 3.85 -7.21
C GLN B 347 -4.08 5.08 -7.67
N LEU B 348 -3.78 5.57 -8.87
CA LEU B 348 -4.53 6.70 -9.40
C LEU B 348 -5.98 6.32 -9.67
N ALA B 349 -6.20 5.14 -10.26
CA ALA B 349 -7.56 4.68 -10.50
C ALA B 349 -8.33 4.58 -9.21
N ARG B 350 -7.72 3.96 -8.19
CA ARG B 350 -8.40 3.79 -6.90
C ARG B 350 -8.71 5.14 -6.27
N LEU B 351 -7.80 6.10 -6.40
CA LEU B 351 -8.06 7.44 -5.84
C LEU B 351 -9.24 8.11 -6.55
N GLU B 352 -9.31 8.03 -7.88
CA GLU B 352 -10.45 8.58 -8.60
C GLU B 352 -11.75 7.92 -8.17
N LEU B 353 -11.75 6.58 -8.12
CA LEU B 353 -12.96 5.85 -7.72
C LEU B 353 -13.37 6.22 -6.31
N SER B 354 -12.41 6.33 -5.40
N SER B 354 -12.40 6.35 -5.41
CA SER B 354 -12.73 6.65 -4.01
CA SER B 354 -12.73 6.63 -4.01
C SER B 354 -13.33 8.03 -3.89
C SER B 354 -13.30 8.04 -3.85
N LEU B 355 -12.68 9.03 -4.49
CA LEU B 355 -13.13 10.41 -4.33
C LEU B 355 -14.50 10.63 -4.95
N MET B 356 -14.76 10.07 -6.13
CA MET B 356 -16.07 10.32 -6.73
C MET B 356 -17.16 9.55 -5.98
N THR B 357 -16.88 8.29 -5.62
CA THR B 357 -17.90 7.52 -4.94
C THR B 357 -18.22 8.12 -3.58
N ALA B 358 -17.20 8.61 -2.85
CA ALA B 358 -17.47 9.25 -1.57
C ALA B 358 -18.42 10.42 -1.73
N ARG B 359 -18.25 11.20 -2.80
CA ARG B 359 -19.05 12.41 -2.99
C ARG B 359 -20.44 12.08 -3.53
N VAL B 360 -20.54 11.07 -4.39
CA VAL B 360 -21.85 10.61 -4.86
C VAL B 360 -22.69 10.13 -3.68
N VAL B 361 -22.10 9.32 -2.80
CA VAL B 361 -22.83 8.78 -1.66
C VAL B 361 -23.26 9.91 -0.72
N GLN B 362 -22.44 10.95 -0.60
CA GLN B 362 -22.73 12.06 0.29
C GLN B 362 -23.79 13.00 -0.29
N ARG B 363 -23.62 13.42 -1.54
CA ARG B 363 -24.46 14.47 -2.11
C ARG B 363 -25.67 13.94 -2.87
N LEU B 364 -25.70 12.66 -3.23
CA LEU B 364 -26.86 12.04 -3.87
C LEU B 364 -27.33 10.87 -3.00
N PRO B 365 -27.79 11.17 -1.78
CA PRO B 365 -28.00 10.08 -0.81
C PRO B 365 -29.10 9.10 -1.15
N ASP B 366 -30.11 9.50 -1.94
CA ASP B 366 -31.16 8.59 -2.35
C ASP B 366 -31.05 8.22 -3.82
N LEU B 367 -29.82 8.25 -4.35
CA LEU B 367 -29.57 7.85 -5.73
C LEU B 367 -30.18 6.49 -6.04
N ARG B 368 -30.88 6.41 -7.17
CA ARG B 368 -31.45 5.16 -7.65
C ARG B 368 -31.36 5.11 -9.16
N LEU B 369 -31.34 3.88 -9.69
CA LEU B 369 -31.51 3.71 -11.12
C LEU B 369 -32.89 4.21 -11.53
N ALA B 370 -32.97 4.89 -12.68
CA ALA B 370 -34.27 5.33 -13.17
C ALA B 370 -35.20 4.16 -13.42
N ASP B 371 -34.66 3.01 -13.81
CA ASP B 371 -35.42 1.78 -13.98
C ASP B 371 -34.67 0.64 -13.29
N GLN B 372 -35.19 0.21 -12.14
CA GLN B 372 -34.52 -0.79 -11.33
C GLN B 372 -34.54 -2.18 -11.96
N ASP B 373 -35.48 -2.47 -12.86
CA ASP B 373 -35.65 -3.81 -13.40
C ASP B 373 -35.07 -3.99 -14.80
N SER B 374 -34.59 -2.92 -15.43
CA SER B 374 -34.07 -3.05 -16.78
C SER B 374 -32.57 -3.29 -16.78
N ARG B 375 -32.10 -4.04 -17.77
CA ARG B 375 -30.67 -4.30 -17.96
C ARG B 375 -30.07 -3.19 -18.81
N LEU B 376 -28.92 -2.67 -18.37
CA LEU B 376 -28.31 -1.55 -19.06
C LEU B 376 -27.38 -2.02 -20.17
N PRO B 377 -27.20 -1.21 -21.22
CA PRO B 377 -26.40 -1.65 -22.37
C PRO B 377 -24.90 -1.60 -22.11
N LEU B 378 -24.21 -2.61 -22.61
CA LEU B 378 -22.76 -2.74 -22.50
C LEU B 378 -22.11 -2.47 -23.85
N ARG B 379 -20.88 -2.04 -23.82
CA ARG B 379 -20.17 -1.68 -25.05
C ARG B 379 -19.69 -2.95 -25.76
N PRO B 380 -19.98 -3.11 -27.05
CA PRO B 380 -19.53 -4.33 -27.78
C PRO B 380 -18.10 -4.23 -28.29
N ALA B 381 -17.16 -4.36 -27.36
CA ALA B 381 -15.72 -4.35 -27.63
C ALA B 381 -15.09 -5.59 -27.03
N ASN B 382 -14.01 -6.08 -27.66
CA ASN B 382 -13.38 -7.32 -27.25
C ASN B 382 -12.20 -7.11 -26.31
N PHE B 383 -11.97 -5.88 -25.85
CA PHE B 383 -10.81 -5.58 -25.03
C PHE B 383 -11.26 -4.92 -23.72
N VAL B 384 -11.66 -3.65 -23.80
CA VAL B 384 -12.19 -2.90 -22.67
C VAL B 384 -13.68 -2.71 -22.88
N SER B 385 -14.49 -3.02 -21.87
CA SER B 385 -15.93 -2.89 -22.04
C SER B 385 -16.61 -2.60 -20.71
N GLY B 386 -17.78 -1.98 -20.82
CA GLY B 386 -18.54 -1.55 -19.66
C GLY B 386 -19.80 -0.84 -20.12
N LEU B 387 -20.44 -0.14 -19.18
CA LEU B 387 -21.74 0.46 -19.43
C LEU B 387 -21.67 1.56 -20.49
N GLU B 388 -22.61 1.51 -21.45
CA GLU B 388 -22.74 2.60 -22.40
C GLU B 388 -23.55 3.76 -21.83
N SER B 389 -24.49 3.49 -20.94
CA SER B 389 -25.36 4.50 -20.36
C SER B 389 -25.92 3.97 -19.04
N MET B 390 -26.39 4.89 -18.20
CA MET B 390 -26.89 4.49 -16.89
C MET B 390 -27.78 5.59 -16.31
N PRO B 391 -29.04 5.65 -16.72
CA PRO B 391 -29.94 6.71 -16.21
C PRO B 391 -30.21 6.51 -14.72
N VAL B 392 -30.04 7.59 -13.96
CA VAL B 392 -30.23 7.58 -12.51
C VAL B 392 -31.14 8.74 -12.14
N VAL B 393 -31.79 8.60 -10.97
CA VAL B 393 -32.63 9.66 -10.42
C VAL B 393 -32.24 9.87 -8.97
N PHE B 394 -32.52 11.07 -8.46
CA PHE B 394 -32.19 11.43 -7.10
C PHE B 394 -32.97 12.67 -6.71
N THR B 395 -33.10 12.88 -5.40
CA THR B 395 -33.68 14.12 -4.92
C THR B 395 -32.72 15.27 -5.21
N PRO B 396 -33.17 16.34 -5.86
CA PRO B 396 -32.25 17.42 -6.24
C PRO B 396 -31.70 18.17 -5.04
N SER B 397 -30.58 18.85 -5.29
CA SER B 397 -29.91 19.64 -4.26
C SER B 397 -29.16 20.79 -4.92
N ARG B 398 -28.67 21.72 -4.08
CA ARG B 398 -27.99 22.91 -4.57
C ARG B 398 -26.51 22.63 -4.79
N PRO B 399 -25.91 23.27 -5.79
CA PRO B 399 -24.48 23.06 -6.03
C PRO B 399 -23.64 23.64 -4.89
N LEU B 400 -22.45 23.06 -4.71
CA LEU B 400 -21.51 23.58 -3.73
C LEU B 400 -21.01 24.95 -4.14
N SER B 401 -20.67 25.13 -5.42
CA SER B 401 -20.17 26.39 -5.94
C SER B 401 -21.22 27.05 -6.82
CHA HEM C . 13.32 3.50 22.86
CHB HEM C . 13.00 0.94 18.78
CHC HEM C . 9.69 -1.96 20.85
CHD HEM C . 9.56 1.04 24.65
C1A HEM C . 13.51 3.04 21.58
C2A HEM C . 14.45 3.57 20.68
C3A HEM C . 14.35 2.85 19.53
C4A HEM C . 13.37 1.86 19.72
CMA HEM C . 15.13 3.06 18.27
CAA HEM C . 15.38 4.75 20.91
CBA HEM C . 16.82 4.29 21.12
CGA HEM C . 17.85 5.34 20.81
O1A HEM C . 19.03 5.05 20.95
O2A HEM C . 17.52 6.47 20.46
C1B HEM C . 12.06 -0.07 19.02
C2B HEM C . 11.74 -1.05 18.06
C3B HEM C . 10.83 -1.89 18.63
C4B HEM C . 10.57 -1.35 19.97
CMB HEM C . 12.35 -1.13 16.69
CAB HEM C . 10.12 -3.08 18.10
CBB HEM C . 10.62 -3.97 17.26
C1C HEM C . 9.37 -1.41 22.08
C2C HEM C . 8.52 -2.00 23.02
C3C HEM C . 8.46 -1.14 24.09
C4C HEM C . 9.30 -0.02 23.82
CMC HEM C . 7.79 -3.30 22.87
CAC HEM C . 7.65 -1.37 25.30
CBC HEM C . 8.14 -1.27 26.51
C1D HEM C . 10.61 1.93 24.44
C2D HEM C . 10.92 2.97 25.41
C3D HEM C . 11.96 3.65 24.93
C4D HEM C . 12.28 3.03 23.65
CMD HEM C . 10.22 3.21 26.71
CAD HEM C . 12.66 4.83 25.58
CBD HEM C . 13.94 4.33 26.26
CGD HEM C . 14.70 5.45 26.88
O1D HEM C . 14.50 6.62 26.55
O2D HEM C . 15.52 5.19 27.75
NA HEM C . 12.87 1.98 20.98
NB HEM C . 11.33 -0.28 20.11
NC HEM C . 9.84 -0.24 22.58
ND HEM C . 11.46 2.01 23.41
FE HEM C . 11.46 0.89 21.88
C ACT D . -10.03 -14.32 6.72
O ACT D . -8.79 -14.19 6.49
OXT ACT D . -11.00 -13.87 6.06
CH3 ACT D . -10.42 -15.17 8.01
CHA HEM E . -1.74 -2.29 -17.25
CHB HEM E . -6.34 -2.55 -15.86
CHC HEM E . -6.32 2.22 -14.92
CHD HEM E . -1.94 2.53 -16.94
C1A HEM E . -2.99 -2.76 -16.93
C2A HEM E . -3.37 -4.12 -17.01
C3A HEM E . -4.66 -4.19 -16.62
C4A HEM E . -5.09 -2.89 -16.29
CMA HEM E . -5.51 -5.43 -16.56
CAA HEM E . -2.51 -5.28 -17.46
CBA HEM E . -2.08 -6.13 -16.26
CGA HEM E . -1.71 -7.53 -16.62
O1A HEM E . -1.66 -7.94 -17.79
O2A HEM E . -1.43 -8.30 -15.70
C1B HEM E . -6.72 -1.27 -15.47
C2B HEM E . -7.98 -0.96 -14.93
C3B HEM E . -7.99 0.38 -14.65
C4B HEM E . -6.68 0.88 -15.06
CMB HEM E . -9.07 -1.98 -14.72
CAB HEM E . -9.04 1.25 -14.10
CBB HEM E . -9.92 0.89 -13.19
C1C HEM E . -5.11 2.74 -15.36
C2C HEM E . -4.66 4.05 -15.20
C3C HEM E . -3.42 4.13 -15.82
C4C HEM E . -3.11 2.84 -16.31
CMC HEM E . -5.49 5.12 -14.51
CAC HEM E . -2.46 5.23 -15.97
CBC HEM E . -2.72 6.49 -15.70
C1D HEM E . -1.55 1.21 -17.15
C2D HEM E . -0.24 0.89 -17.70
C3D HEM E . -0.18 -0.44 -17.79
C4D HEM E . -1.47 -0.93 -17.28
CMD HEM E . 0.84 1.86 -18.09
CAD HEM E . 0.97 -1.26 -18.29
CBD HEM E . 1.83 -1.67 -17.10
CGD HEM E . 2.92 -2.61 -17.51
O1D HEM E . 3.87 -2.78 -16.73
O2D HEM E . 2.90 -3.16 -18.61
NA HEM E . -4.06 -2.02 -16.49
NB HEM E . -6.00 -0.15 -15.54
NC HEM E . -4.16 2.03 -16.01
ND HEM E . -2.25 0.09 -16.92
FE HEM E . -4.01 -0.04 -16.21
C ACT F . -20.15 9.31 -42.21
O ACT F . -20.85 8.64 -43.00
OXT ACT F . -19.83 10.53 -42.29
CH3 ACT F . -19.60 8.53 -40.98
#